data_2OQT
#
_entry.id   2OQT
#
_cell.length_a   51.224
_cell.length_b   112.781
_cell.length_c   60.401
_cell.angle_alpha   90.00
_cell.angle_beta   99.19
_cell.angle_gamma   90.00
#
_symmetry.space_group_name_H-M   'P 1 21 1'
#
loop_
_entity.id
_entity.type
_entity.pdbx_description
1 polymer 'Hypothetical protein SPy0176'
2 water water
#
_entity_poly.entity_id   1
_entity_poly.type   'polypeptide(L)'
_entity_poly.pdbx_seq_one_letter_code
;A(MSE)NLKQALIDNNSIRLGLSADTWQEAVRLAVQPLIDSKAVTSAYYDAIIASTEKYGPYYVL(MSE)PG(MSE)A
(MSE)PHAEAGLGVNRNAFALITLTKPVTFSDGKEVSVLLTLAATDPSIHTTVAIPQIVALFELDNAIERLVACQSPKEV
LE(MSE)VEESKDSPYLEG(MSE)DLNA
;
_entity_poly.pdbx_strand_id   A,B,C,D
#
# COMPACT_ATOMS: atom_id res chain seq x y z
N ALA A 1 -27.99 6.95 16.57
CA ALA A 1 -27.20 5.99 15.71
C ALA A 1 -28.02 4.72 15.28
N MSE A 2 -27.37 3.85 14.52
CA MSE A 2 -27.97 3.26 13.30
C MSE A 2 -28.55 1.86 13.25
O MSE A 2 -27.91 0.91 13.67
CB MSE A 2 -26.94 3.33 12.21
CG MSE A 2 -26.90 4.62 11.48
SE MSE A 2 -26.05 4.19 9.79
CE MSE A 2 -24.19 3.81 10.52
N ASN A 3 -29.74 1.76 12.67
CA ASN A 3 -30.35 0.46 12.41
C ASN A 3 -30.25 0.23 10.93
N LEU A 4 -29.79 -0.95 10.53
CA LEU A 4 -29.60 -1.27 9.12
C LEU A 4 -30.88 -1.25 8.29
N LYS A 5 -31.92 -1.95 8.72
CA LYS A 5 -33.24 -1.91 8.08
C LYS A 5 -33.74 -0.49 7.92
N GLN A 6 -33.71 0.28 8.99
CA GLN A 6 -34.27 1.60 8.94
C GLN A 6 -33.48 2.46 8.00
N ALA A 7 -32.15 2.39 8.14
CA ALA A 7 -31.20 3.17 7.31
C ALA A 7 -31.44 2.96 5.82
N LEU A 8 -31.81 1.74 5.50
CA LEU A 8 -31.97 1.27 4.13
C LEU A 8 -33.27 1.83 3.55
N ILE A 9 -34.25 2.02 4.44
CA ILE A 9 -35.53 2.60 4.08
C ILE A 9 -35.41 4.10 3.98
N ASP A 10 -34.72 4.70 4.94
CA ASP A 10 -34.60 6.15 4.99
C ASP A 10 -33.86 6.73 3.80
N ASN A 11 -33.17 5.85 3.11
CA ASN A 11 -32.27 6.23 2.06
C ASN A 11 -32.74 5.62 0.78
N ASN A 12 -33.68 4.66 0.92
CA ASN A 12 -34.21 3.89 -0.20
C ASN A 12 -33.07 3.31 -0.96
N SER A 13 -32.27 2.52 -0.26
CA SER A 13 -30.86 2.26 -0.60
C SER A 13 -30.59 0.96 -1.30
N ILE A 14 -31.64 0.16 -1.50
CA ILE A 14 -31.47 -1.14 -2.06
C ILE A 14 -31.54 -1.06 -3.58
N ARG A 15 -30.56 -1.68 -4.24
CA ARG A 15 -30.60 -1.94 -5.68
C ARG A 15 -30.35 -3.38 -5.93
N LEU A 16 -31.01 -3.86 -6.97
CA LEU A 16 -31.15 -5.27 -7.19
C LEU A 16 -30.71 -5.64 -8.59
N GLY A 17 -29.76 -6.59 -8.66
CA GLY A 17 -29.35 -7.20 -9.92
C GLY A 17 -28.74 -6.21 -10.86
N LEU A 18 -27.73 -5.49 -10.39
CA LEU A 18 -26.99 -4.59 -11.26
C LEU A 18 -25.82 -5.37 -11.88
N SER A 19 -25.09 -4.74 -12.80
CA SER A 19 -24.01 -5.43 -13.52
C SER A 19 -22.73 -4.60 -13.49
N ALA A 20 -21.60 -5.21 -13.15
CA ALA A 20 -20.35 -4.47 -13.16
C ALA A 20 -19.22 -5.37 -13.67
N ASP A 21 -18.21 -4.79 -14.32
CA ASP A 21 -17.11 -5.57 -14.95
C ASP A 21 -15.85 -5.53 -14.13
N THR A 22 -15.68 -4.43 -13.41
CA THR A 22 -14.52 -4.26 -12.55
C THR A 22 -15.04 -4.07 -11.13
N TRP A 23 -14.16 -4.18 -10.13
CA TRP A 23 -14.55 -3.91 -8.76
C TRP A 23 -14.70 -2.39 -8.53
N GLN A 24 -13.96 -1.61 -9.31
CA GLN A 24 -14.24 -0.16 -9.39
C GLN A 24 -15.69 0.17 -9.88
N GLU A 25 -16.20 -0.50 -10.93
CA GLU A 25 -17.60 -0.37 -11.41
C GLU A 25 -18.58 -0.68 -10.29
N ALA A 26 -18.28 -1.73 -9.53
CA ALA A 26 -19.19 -2.25 -8.51
C ALA A 26 -19.26 -1.34 -7.28
N VAL A 27 -18.12 -0.76 -6.96
CA VAL A 27 -18.05 0.20 -5.88
C VAL A 27 -18.83 1.46 -6.27
N ARG A 28 -18.62 1.98 -7.47
CA ARG A 28 -19.39 3.11 -7.95
CA ARG A 28 -19.39 3.13 -7.93
C ARG A 28 -20.88 2.85 -7.79
N LEU A 29 -21.32 1.68 -8.26
CA LEU A 29 -22.75 1.33 -8.24
C LEU A 29 -23.22 1.18 -6.80
N ALA A 30 -22.31 0.83 -5.89
CA ALA A 30 -22.71 0.53 -4.55
C ALA A 30 -22.86 1.82 -3.73
N VAL A 31 -22.13 2.85 -4.13
CA VAL A 31 -22.17 4.14 -3.44
C VAL A 31 -23.25 5.04 -4.04
N GLN A 32 -23.58 4.83 -5.32
CA GLN A 32 -24.56 5.64 -6.01
C GLN A 32 -25.84 5.85 -5.20
N PRO A 33 -26.49 4.77 -4.77
CA PRO A 33 -27.77 4.98 -4.05
C PRO A 33 -27.69 5.93 -2.84
N LEU A 34 -26.47 6.31 -2.46
CA LEU A 34 -26.24 7.14 -1.28
C LEU A 34 -25.94 8.55 -1.67
N ILE A 35 -25.58 8.68 -2.92
CA ILE A 35 -25.50 9.96 -3.57
C ILE A 35 -26.92 10.33 -4.00
N ASP A 36 -27.63 9.40 -4.66
CA ASP A 36 -29.08 9.54 -4.84
C ASP A 36 -29.86 10.08 -3.64
N SER A 37 -29.56 9.62 -2.41
CA SER A 37 -30.37 10.01 -1.27
C SER A 37 -29.75 11.22 -0.57
N LYS A 38 -28.77 11.82 -1.23
CA LYS A 38 -27.89 12.85 -0.66
C LYS A 38 -27.23 12.56 0.72
N ALA A 39 -26.99 11.28 1.06
CA ALA A 39 -26.27 10.97 2.32
C ALA A 39 -24.76 11.24 2.17
N VAL A 40 -24.23 10.95 0.96
CA VAL A 40 -22.83 11.20 0.60
C VAL A 40 -22.71 11.88 -0.77
N THR A 41 -21.48 12.29 -1.05
CA THR A 41 -21.05 13.04 -2.20
C THR A 41 -20.18 12.06 -3.01
N SER A 42 -19.93 12.38 -4.28
CA SER A 42 -18.99 11.60 -5.07
C SER A 42 -17.64 11.50 -4.37
N ALA A 43 -17.22 12.54 -3.68
CA ALA A 43 -15.89 12.51 -3.10
C ALA A 43 -15.74 11.28 -2.17
N TYR A 44 -16.88 10.70 -1.78
CA TYR A 44 -16.90 9.46 -0.99
C TYR A 44 -16.54 8.28 -1.84
N TYR A 45 -17.13 8.13 -3.01
CA TYR A 45 -16.66 7.12 -3.94
C TYR A 45 -15.10 7.25 -4.11
N ASP A 46 -14.61 8.39 -4.58
CA ASP A 46 -13.18 8.66 -4.63
C ASP A 46 -12.40 8.20 -3.40
N ALA A 47 -12.92 8.50 -2.22
CA ALA A 47 -12.22 8.12 -1.04
C ALA A 47 -12.22 6.58 -0.88
N ILE A 48 -13.20 5.89 -1.43
CA ILE A 48 -13.15 4.43 -1.30
C ILE A 48 -12.06 3.85 -2.22
N ILE A 49 -11.99 4.39 -3.44
CA ILE A 49 -11.07 3.92 -4.46
C ILE A 49 -9.65 4.15 -3.97
N ALA A 50 -9.42 5.33 -3.42
CA ALA A 50 -8.14 5.73 -2.87
C ALA A 50 -7.75 4.83 -1.69
N SER A 51 -8.65 4.54 -0.77
CA SER A 51 -8.23 3.72 0.38
C SER A 51 -8.02 2.29 -0.08
N THR A 52 -8.74 1.88 -1.11
CA THR A 52 -8.51 0.55 -1.61
C THR A 52 -7.10 0.50 -2.24
N GLU A 53 -6.75 1.52 -3.00
CA GLU A 53 -5.45 1.66 -3.63
C GLU A 53 -4.28 1.62 -2.62
N LYS A 54 -4.41 2.26 -1.46
CA LYS A 54 -3.34 2.14 -0.47
C LYS A 54 -3.43 0.98 0.51
N TYR A 55 -4.59 0.41 0.73
CA TYR A 55 -4.69 -0.59 1.75
C TYR A 55 -5.11 -1.93 1.18
N GLY A 56 -5.56 -1.96 -0.06
CA GLY A 56 -6.12 -3.18 -0.58
C GLY A 56 -7.54 -3.35 -0.09
N PRO A 57 -8.24 -4.35 -0.65
CA PRO A 57 -9.68 -4.48 -0.41
C PRO A 57 -10.07 -4.92 1.03
N TYR A 58 -9.76 -4.08 2.02
CA TYR A 58 -9.95 -4.41 3.45
C TYR A 58 -11.41 -4.66 3.85
N TYR A 59 -12.37 -4.10 3.14
CA TYR A 59 -13.78 -4.25 3.55
C TYR A 59 -14.46 -5.48 2.97
N VAL A 60 -13.70 -6.33 2.31
CA VAL A 60 -14.25 -7.59 1.80
C VAL A 60 -14.09 -8.70 2.85
N LEU A 61 -14.96 -8.74 3.83
CA LEU A 61 -14.77 -9.54 5.04
C LEU A 61 -15.22 -10.97 4.94
N MSE A 62 -16.32 -11.26 4.26
CA MSE A 62 -16.77 -12.64 4.09
C MSE A 62 -17.14 -13.01 2.65
O MSE A 62 -17.46 -12.13 1.86
CB MSE A 62 -17.87 -12.99 5.10
CG MSE A 62 -18.97 -11.96 5.29
SE MSE A 62 -19.68 -11.83 7.13
CE MSE A 62 -20.25 -13.71 7.42
N PRO A 63 -17.08 -14.32 2.32
CA PRO A 63 -17.30 -14.83 0.96
C PRO A 63 -18.49 -14.18 0.29
N GLY A 64 -18.24 -13.56 -0.85
CA GLY A 64 -19.29 -12.99 -1.66
C GLY A 64 -19.78 -11.61 -1.33
N MSE A 65 -19.22 -10.97 -0.32
CA MSE A 65 -19.70 -9.63 0.11
C MSE A 65 -18.57 -8.65 0.36
O MSE A 65 -17.51 -9.05 0.85
CB MSE A 65 -20.57 -9.70 1.36
CG MSE A 65 -19.80 -9.95 2.66
SE MSE A 65 -19.21 -8.37 3.76
CE MSE A 65 -17.40 -8.15 3.19
N ALA A 66 -18.80 -7.39 -0.01
CA ALA A 66 -17.97 -6.26 0.42
C ALA A 66 -18.85 -5.29 1.17
N MSE A 67 -18.32 -4.65 2.20
CA MSE A 67 -18.97 -3.51 2.81
C MSE A 67 -18.13 -2.25 2.63
O MSE A 67 -17.44 -1.78 3.55
CB MSE A 67 -19.27 -3.78 4.28
CG MSE A 67 -18.18 -4.60 4.88
SE MSE A 67 -18.16 -4.60 6.79
CE MSE A 67 -19.15 -2.87 7.12
N PRO A 68 -18.21 -1.66 1.43
CA PRO A 68 -17.31 -0.57 0.99
C PRO A 68 -17.45 0.63 1.87
N HIS A 69 -16.33 1.20 2.29
CA HIS A 69 -16.32 2.39 3.13
C HIS A 69 -14.91 2.95 3.14
N ALA A 70 -14.79 4.23 3.51
CA ALA A 70 -13.49 4.89 3.74
C ALA A 70 -13.42 5.55 5.12
N GLU A 71 -12.26 6.11 5.46
CA GLU A 71 -12.17 6.79 6.75
C GLU A 71 -12.52 8.25 6.70
N ALA A 72 -13.77 8.47 7.12
CA ALA A 72 -14.51 9.65 6.76
C ALA A 72 -15.09 10.33 8.01
N LEU A 74 -15.92 11.90 4.97
CA LEU A 74 -15.29 12.41 3.78
C LEU A 74 -16.23 12.27 2.58
N GLY A 75 -16.92 13.37 2.31
CA GLY A 75 -18.05 13.31 1.40
C GLY A 75 -19.30 12.78 2.09
N VAL A 76 -19.27 12.75 3.44
CA VAL A 76 -20.35 12.16 4.24
C VAL A 76 -21.15 13.19 5.03
N ASN A 77 -22.46 13.31 4.82
CA ASN A 77 -23.25 14.26 5.65
C ASN A 77 -24.02 13.56 6.76
N ARG A 78 -24.26 12.26 6.55
CA ARG A 78 -25.25 11.52 7.29
C ARG A 78 -24.91 10.03 7.28
N ASN A 79 -25.03 9.40 8.46
CA ASN A 79 -24.92 7.93 8.56
C ASN A 79 -26.01 7.24 7.72
N ALA A 80 -25.54 6.23 6.98
CA ALA A 80 -26.36 5.58 5.95
C ALA A 80 -25.75 4.25 5.64
N PHE A 81 -26.61 3.37 5.14
CA PHE A 81 -26.24 2.12 4.53
C PHE A 81 -26.88 2.12 3.17
N ALA A 82 -26.23 1.42 2.24
CA ALA A 82 -26.77 1.08 0.95
C ALA A 82 -26.61 -0.43 0.78
N LEU A 83 -27.35 -1.03 -0.17
CA LEU A 83 -27.27 -2.49 -0.43
C LEU A 83 -27.56 -2.82 -1.87
N ILE A 84 -26.55 -3.34 -2.54
CA ILE A 84 -26.68 -3.69 -3.94
C ILE A 84 -26.32 -5.16 -4.19
N THR A 85 -26.77 -5.66 -5.32
CA THR A 85 -26.81 -7.07 -5.61
C THR A 85 -26.36 -7.13 -7.03
N LEU A 86 -25.41 -8.01 -7.32
CA LEU A 86 -24.84 -8.15 -8.63
C LEU A 86 -25.33 -9.43 -9.25
N THR A 87 -25.69 -9.30 -10.51
CA THR A 87 -25.89 -10.39 -11.45
C THR A 87 -24.73 -11.40 -11.45
N LYS A 88 -23.52 -10.91 -11.74
CA LYS A 88 -22.36 -11.77 -11.85
C LYS A 88 -21.26 -11.27 -10.90
N PRO A 89 -20.67 -12.18 -10.11
CA PRO A 89 -19.58 -11.91 -9.15
C PRO A 89 -18.46 -11.08 -9.74
N VAL A 90 -18.00 -10.09 -8.99
CA VAL A 90 -16.96 -9.23 -9.47
C VAL A 90 -15.72 -9.60 -8.65
N THR A 91 -14.52 -9.48 -9.22
CA THR A 91 -13.30 -9.87 -8.57
C THR A 91 -12.48 -8.67 -8.08
N PHE A 92 -12.27 -8.61 -6.76
CA PHE A 92 -11.51 -7.51 -6.16
C PHE A 92 -10.00 -7.78 -6.30
N SER A 93 -9.19 -6.75 -6.09
CA SER A 93 -7.74 -6.81 -6.37
C SER A 93 -6.93 -7.80 -5.50
N ASP A 94 -7.56 -8.44 -4.52
CA ASP A 94 -6.92 -9.50 -3.74
C ASP A 94 -7.33 -10.87 -4.24
N GLY A 95 -8.11 -10.92 -5.33
CA GLY A 95 -8.57 -12.20 -5.80
C GLY A 95 -9.90 -12.65 -5.26
N LYS A 96 -10.53 -11.91 -4.35
CA LYS A 96 -11.84 -12.29 -3.80
C LYS A 96 -13.00 -11.89 -4.71
N GLU A 97 -14.03 -12.75 -4.75
CA GLU A 97 -15.17 -12.57 -5.62
C GLU A 97 -16.39 -12.05 -4.86
N VAL A 98 -17.02 -11.02 -5.38
CA VAL A 98 -18.08 -10.34 -4.63
C VAL A 98 -19.39 -10.28 -5.43
N SER A 99 -20.51 -10.57 -4.76
CA SER A 99 -21.79 -10.47 -5.44
C SER A 99 -22.68 -9.53 -4.71
N VAL A 100 -22.37 -9.28 -3.44
CA VAL A 100 -23.15 -8.35 -2.65
C VAL A 100 -22.31 -7.28 -1.94
N LEU A 101 -22.60 -6.02 -2.26
CA LEU A 101 -21.95 -4.86 -1.62
C LEU A 101 -22.91 -4.10 -0.71
N LEU A 102 -22.56 -4.14 0.58
CA LEU A 102 -23.16 -3.30 1.61
C LEU A 102 -22.27 -2.11 2.02
N THR A 103 -22.34 -1.05 1.24
CA THR A 103 -21.82 0.25 1.60
C THR A 103 -22.24 0.82 2.94
N LEU A 104 -21.26 1.37 3.60
CA LEU A 104 -21.45 1.92 4.92
C LEU A 104 -20.90 3.32 4.92
N ALA A 105 -21.66 4.31 5.38
CA ALA A 105 -21.10 5.66 5.55
C ALA A 105 -21.33 6.22 6.94
N ALA A 106 -20.30 6.83 7.46
CA ALA A 106 -20.38 7.35 8.82
C ALA A 106 -19.62 8.62 8.97
N THR A 107 -20.19 9.51 9.79
CA THR A 107 -19.53 10.73 10.25
C THR A 107 -18.63 10.49 11.50
N ASP A 108 -18.79 9.37 12.22
CA ASP A 108 -17.85 9.00 13.31
C ASP A 108 -17.19 7.62 13.15
N PRO A 109 -15.83 7.58 13.22
CA PRO A 109 -15.13 6.37 12.77
C PRO A 109 -15.32 5.12 13.64
N SER A 110 -15.75 5.26 14.88
CA SER A 110 -15.86 4.10 15.77
C SER A 110 -17.21 3.38 15.70
N ILE A 111 -18.17 4.01 15.04
CA ILE A 111 -19.40 3.39 14.55
C ILE A 111 -19.12 2.06 13.86
N HIS A 112 -18.14 2.04 12.95
CA HIS A 112 -17.87 0.89 12.09
C HIS A 112 -17.89 -0.46 12.84
N THR A 113 -17.14 -0.55 13.93
CA THR A 113 -16.95 -1.84 14.57
C THR A 113 -17.95 -2.06 15.71
N THR A 114 -18.30 -0.99 16.41
CA THR A 114 -19.23 -1.06 17.55
C THR A 114 -20.70 -1.23 17.17
N VAL A 115 -21.06 -0.71 16.00
CA VAL A 115 -22.44 -0.56 15.57
C VAL A 115 -22.72 -1.27 14.24
N ALA A 116 -21.84 -1.08 13.24
CA ALA A 116 -22.16 -1.44 11.84
C ALA A 116 -21.82 -2.87 11.48
N ILE A 117 -20.56 -3.25 11.68
CA ILE A 117 -20.11 -4.60 11.39
C ILE A 117 -20.98 -5.67 12.07
N PRO A 118 -21.29 -5.51 13.39
CA PRO A 118 -22.15 -6.50 14.03
C PRO A 118 -23.46 -6.73 13.28
N GLN A 119 -24.09 -5.66 12.79
CA GLN A 119 -25.34 -5.78 12.05
C GLN A 119 -25.10 -6.50 10.73
N ILE A 120 -24.03 -6.11 10.04
CA ILE A 120 -23.72 -6.65 8.71
C ILE A 120 -23.42 -8.14 8.85
N VAL A 121 -22.55 -8.44 9.83
CA VAL A 121 -22.17 -9.80 10.17
C VAL A 121 -23.38 -10.72 10.30
N ALA A 122 -24.41 -10.23 11.00
CA ALA A 122 -25.64 -10.95 11.31
C ALA A 122 -26.44 -11.32 10.08
N LEU A 123 -26.54 -10.37 9.14
CA LEU A 123 -27.26 -10.62 7.88
C LEU A 123 -26.61 -11.73 7.08
N PHE A 124 -25.29 -11.74 7.10
CA PHE A 124 -24.56 -12.66 6.26
C PHE A 124 -24.34 -14.01 6.95
N GLU A 125 -24.51 -14.01 8.28
CA GLU A 125 -24.49 -15.23 9.09
C GLU A 125 -25.80 -16.03 8.99
N LEU A 126 -26.73 -15.57 8.15
CA LEU A 126 -27.94 -16.31 7.86
C LEU A 126 -27.70 -17.40 6.82
N ASP A 127 -28.18 -18.60 7.13
CA ASP A 127 -28.28 -19.71 6.18
C ASP A 127 -28.45 -19.25 4.72
N ASN A 128 -27.49 -19.65 3.88
CA ASN A 128 -27.45 -19.29 2.46
C ASN A 128 -27.86 -17.82 2.20
N ALA A 129 -27.07 -16.88 2.70
CA ALA A 129 -27.43 -15.47 2.59
C ALA A 129 -27.15 -14.86 1.21
N ILE A 130 -25.93 -15.01 0.68
CA ILE A 130 -25.61 -14.23 -0.53
C ILE A 130 -26.48 -14.56 -1.75
N GLU A 131 -26.72 -15.86 -1.93
CA GLU A 131 -27.55 -16.42 -2.99
C GLU A 131 -29.01 -16.09 -2.73
N ARG A 132 -29.48 -16.28 -1.49
CA ARG A 132 -30.79 -15.76 -1.14
C ARG A 132 -30.94 -14.28 -1.54
N LEU A 133 -29.92 -13.48 -1.20
CA LEU A 133 -29.88 -12.04 -1.47
C LEU A 133 -29.85 -11.77 -2.96
N VAL A 134 -29.09 -12.58 -3.69
CA VAL A 134 -28.98 -12.44 -5.17
C VAL A 134 -30.30 -12.75 -5.88
N ALA A 135 -31.05 -13.70 -5.34
CA ALA A 135 -32.36 -14.13 -5.86
C ALA A 135 -33.57 -13.30 -5.36
N CYS A 136 -33.28 -12.32 -4.50
CA CYS A 136 -34.28 -11.34 -4.06
C CYS A 136 -34.85 -10.55 -5.24
N GLN A 137 -36.17 -10.44 -5.26
CA GLN A 137 -36.91 -9.94 -6.41
C GLN A 137 -37.46 -8.52 -6.17
N SER A 138 -37.19 -7.95 -4.99
CA SER A 138 -37.65 -6.61 -4.56
C SER A 138 -37.10 -6.18 -3.17
N PRO A 139 -36.85 -4.86 -2.98
CA PRO A 139 -36.32 -4.39 -1.70
C PRO A 139 -37.10 -4.92 -0.50
N LYS A 140 -38.41 -5.09 -0.68
CA LYS A 140 -39.30 -5.71 0.34
C LYS A 140 -38.66 -6.97 0.95
N GLU A 141 -38.28 -7.94 0.12
CA GLU A 141 -37.69 -9.16 0.68
C GLU A 141 -36.27 -9.02 1.17
N VAL A 142 -35.52 -8.08 0.60
CA VAL A 142 -34.23 -7.74 1.20
C VAL A 142 -34.48 -7.26 2.63
N LEU A 143 -35.39 -6.31 2.79
CA LEU A 143 -35.74 -5.81 4.12
C LEU A 143 -36.28 -6.93 5.03
N GLU A 144 -36.94 -7.93 4.44
CA GLU A 144 -37.47 -9.02 5.24
C GLU A 144 -36.37 -9.93 5.74
N MSE A 145 -35.35 -10.12 4.90
CA MSE A 145 -34.13 -10.78 5.33
C MSE A 145 -33.45 -10.03 6.44
O MSE A 145 -32.99 -10.66 7.39
CB MSE A 145 -33.17 -10.96 4.17
CG MSE A 145 -33.71 -11.87 3.12
SE MSE A 145 -32.30 -12.45 1.94
CE MSE A 145 -31.05 -13.18 3.29
N VAL A 146 -33.41 -8.69 6.36
CA VAL A 146 -32.78 -7.86 7.39
C VAL A 146 -33.50 -7.90 8.74
N GLU A 147 -34.83 -8.01 8.75
CA GLU A 147 -35.56 -8.19 10.02
C GLU A 147 -35.20 -9.55 10.65
N GLU A 148 -35.16 -10.56 9.79
CA GLU A 148 -34.77 -11.88 10.19
C GLU A 148 -33.38 -11.92 10.88
N SER A 149 -32.53 -10.93 10.58
CA SER A 149 -31.15 -10.78 11.13
C SER A 149 -31.12 -10.38 12.57
N LYS A 150 -32.08 -9.54 12.96
CA LYS A 150 -32.10 -8.94 14.29
C LYS A 150 -32.34 -9.93 15.45
N ASP A 151 -32.78 -11.16 15.14
CA ASP A 151 -33.19 -12.10 16.18
C ASP A 151 -32.58 -13.51 16.06
N SER A 152 -32.28 -14.11 17.22
CA SER A 152 -31.79 -15.50 17.34
C SER A 152 -30.45 -15.76 16.63
N ALA B 1 3.66 0.59 11.98
CA ALA B 1 2.86 0.26 10.77
C ALA B 1 2.28 -1.16 10.88
N MSE B 2 1.22 -1.28 11.70
CA MSE B 2 0.74 -2.53 12.29
C MSE B 2 0.99 -3.87 11.58
O MSE B 2 0.31 -4.21 10.62
CB MSE B 2 -0.74 -2.41 12.63
CG MSE B 2 -0.99 -2.45 14.11
SE MSE B 2 -2.78 -1.80 14.46
CE MSE B 2 -3.23 -2.83 16.08
N ASN B 3 1.96 -4.65 12.07
CA ASN B 3 2.10 -5.99 11.53
C ASN B 3 1.66 -7.02 12.54
N LEU B 4 0.74 -7.89 12.15
CA LEU B 4 0.21 -8.89 13.09
C LEU B 4 1.33 -9.74 13.76
N LYS B 5 2.16 -10.37 12.93
CA LYS B 5 3.34 -11.17 13.33
C LYS B 5 4.35 -10.38 14.20
N GLN B 6 4.84 -9.25 13.68
CA GLN B 6 5.74 -8.36 14.43
C GLN B 6 5.20 -7.83 15.76
N ALA B 7 3.92 -7.46 15.79
CA ALA B 7 3.36 -6.86 17.00
C ALA B 7 3.35 -7.90 18.11
N LEU B 8 3.02 -9.12 17.71
CA LEU B 8 2.90 -10.26 18.58
C LEU B 8 4.26 -10.56 19.21
N ILE B 9 5.29 -10.53 18.37
CA ILE B 9 6.70 -10.61 18.73
C ILE B 9 7.11 -9.40 19.58
N ASP B 10 7.27 -8.24 18.97
CA ASP B 10 7.61 -7.02 19.70
C ASP B 10 7.00 -6.97 21.11
N ASN B 11 5.87 -7.63 21.32
CA ASN B 11 5.17 -7.49 22.61
C ASN B 11 5.21 -8.75 23.48
N ASN B 12 5.77 -9.83 22.94
CA ASN B 12 5.70 -11.15 23.57
C ASN B 12 4.28 -11.40 24.08
N SER B 13 3.30 -11.27 23.18
CA SER B 13 1.88 -11.19 23.55
C SER B 13 0.97 -12.38 23.12
N ILE B 14 1.60 -13.54 22.87
CA ILE B 14 0.89 -14.81 22.77
C ILE B 14 0.94 -15.55 24.12
N ARG B 15 -0.22 -16.03 24.57
CA ARG B 15 -0.37 -16.79 25.80
C ARG B 15 -1.29 -17.95 25.51
N LEU B 16 -0.73 -19.16 25.59
CA LEU B 16 -1.53 -20.33 25.25
C LEU B 16 -1.98 -21.05 26.50
N GLY B 17 -3.18 -21.61 26.45
CA GLY B 17 -3.69 -22.48 27.48
C GLY B 17 -4.10 -21.77 28.76
N LEU B 18 -4.54 -20.54 28.61
CA LEU B 18 -5.06 -19.78 29.73
C LEU B 18 -6.38 -20.32 30.16
N SER B 19 -6.81 -19.93 31.36
CA SER B 19 -8.08 -20.40 31.89
C SER B 19 -9.00 -19.24 32.28
N ALA B 20 -10.29 -19.37 31.96
CA ALA B 20 -11.27 -18.34 32.25
C ALA B 20 -12.71 -18.87 32.37
N ASP B 21 -13.48 -18.31 33.31
CA ASP B 21 -14.89 -18.70 33.48
C ASP B 21 -15.86 -17.70 32.81
N THR B 22 -15.69 -16.44 33.18
CA THR B 22 -16.54 -15.38 32.65
C THR B 22 -15.95 -14.83 31.36
N TRP B 23 -16.76 -14.10 30.59
CA TRP B 23 -16.24 -13.53 29.36
C TRP B 23 -15.37 -12.38 29.77
N GLN B 24 -15.71 -11.78 30.91
CA GLN B 24 -15.01 -10.61 31.45
C GLN B 24 -13.56 -10.96 31.75
N GLU B 25 -13.40 -12.11 32.43
CA GLU B 25 -12.11 -12.74 32.76
CA GLU B 25 -12.09 -12.62 32.76
C GLU B 25 -11.21 -12.83 31.51
N ALA B 26 -11.77 -13.45 30.47
CA ALA B 26 -11.10 -13.65 29.19
C ALA B 26 -10.61 -12.33 28.60
N VAL B 27 -11.49 -11.33 28.54
CA VAL B 27 -11.09 -10.00 28.07
C VAL B 27 -9.91 -9.47 28.90
N ARG B 28 -10.02 -9.55 30.23
CA ARG B 28 -8.93 -9.19 31.14
CA ARG B 28 -8.92 -9.16 31.11
C ARG B 28 -7.63 -9.90 30.76
N LEU B 29 -7.73 -11.23 30.66
CA LEU B 29 -6.59 -12.06 30.26
C LEU B 29 -6.13 -11.77 28.83
N ALA B 30 -7.07 -11.59 27.89
CA ALA B 30 -6.70 -11.17 26.52
C ALA B 30 -5.90 -9.86 26.48
N VAL B 31 -6.22 -8.91 27.37
CA VAL B 31 -5.62 -7.57 27.35
C VAL B 31 -4.33 -7.50 28.12
N GLN B 32 -4.26 -8.34 29.15
CA GLN B 32 -3.13 -8.39 30.06
C GLN B 32 -1.74 -8.36 29.35
N PRO B 33 -1.51 -9.17 28.29
CA PRO B 33 -0.17 -9.09 27.67
C PRO B 33 0.21 -7.70 27.13
N LEU B 34 -0.80 -6.88 26.82
CA LEU B 34 -0.58 -5.55 26.26
C LEU B 34 -0.40 -4.50 27.37
N ILE B 35 -0.90 -4.82 28.56
CA ILE B 35 -0.53 -4.10 29.78
C ILE B 35 0.94 -4.40 30.17
N ASP B 36 1.39 -5.64 30.06
CA ASP B 36 2.75 -5.98 30.46
C ASP B 36 3.80 -5.47 29.48
N SER B 37 3.46 -5.32 28.20
CA SER B 37 4.39 -4.65 27.28
C SER B 37 4.28 -3.14 27.50
N LYS B 38 3.38 -2.80 28.44
CA LYS B 38 2.77 -1.45 28.65
C LYS B 38 2.32 -0.67 27.41
N ALA B 39 2.12 -1.41 26.31
CA ALA B 39 1.47 -0.94 25.09
C ALA B 39 0.16 -0.25 25.38
N VAL B 40 -0.60 -0.74 26.37
CA VAL B 40 -1.81 -0.07 26.83
C VAL B 40 -1.89 -0.06 28.35
N THR B 41 -2.88 0.64 28.90
CA THR B 41 -3.02 0.71 30.35
C THR B 41 -4.27 -0.05 30.70
N SER B 42 -4.48 -0.27 32.00
CA SER B 42 -5.71 -0.87 32.54
C SER B 42 -6.95 -0.08 32.15
N ALA B 43 -6.73 1.16 31.70
CA ALA B 43 -7.80 2.00 31.22
C ALA B 43 -8.46 1.40 29.95
N TYR B 44 -7.61 0.96 29.01
CA TYR B 44 -8.04 0.23 27.80
C TYR B 44 -8.88 -1.00 28.14
N TYR B 45 -8.41 -1.78 29.11
CA TYR B 45 -9.21 -2.88 29.65
C TYR B 45 -10.62 -2.37 30.02
N ASP B 46 -10.67 -1.23 30.74
CA ASP B 46 -11.92 -0.65 31.24
C ASP B 46 -12.82 -0.23 30.08
N ALA B 47 -12.25 0.58 29.18
CA ALA B 47 -12.87 0.92 27.91
C ALA B 47 -13.50 -0.33 27.24
N ILE B 48 -12.72 -1.41 27.08
CA ILE B 48 -13.31 -2.64 26.49
C ILE B 48 -14.44 -3.19 27.33
N ILE B 49 -14.23 -3.24 28.65
CA ILE B 49 -15.33 -3.73 29.52
C ILE B 49 -16.58 -2.85 29.41
N ALA B 50 -16.37 -1.53 29.46
CA ALA B 50 -17.49 -0.56 29.35
C ALA B 50 -18.27 -0.74 28.05
N SER B 51 -17.54 -0.82 26.94
CA SER B 51 -18.16 -0.92 25.62
C SER B 51 -18.84 -2.26 25.36
N THR B 52 -18.43 -3.30 26.06
CA THR B 52 -19.07 -4.60 25.81
C THR B 52 -20.51 -4.65 26.39
N GLU B 53 -20.74 -4.06 27.57
CA GLU B 53 -22.10 -3.91 28.12
C GLU B 53 -22.84 -2.77 27.42
N LYS B 54 -22.16 -1.65 27.22
CA LYS B 54 -22.70 -0.59 26.38
C LYS B 54 -23.19 -1.14 25.03
N TYR B 55 -22.35 -1.88 24.30
CA TYR B 55 -22.69 -2.29 22.91
C TYR B 55 -23.07 -3.74 22.65
N GLY B 56 -22.57 -4.66 23.47
CA GLY B 56 -22.73 -6.09 23.19
C GLY B 56 -21.43 -6.68 22.72
N PRO B 57 -21.39 -8.02 22.52
CA PRO B 57 -20.17 -8.70 22.09
C PRO B 57 -19.88 -8.38 20.62
N TYR B 58 -19.64 -7.10 20.33
CA TYR B 58 -19.66 -6.62 18.95
C TYR B 58 -18.47 -7.13 18.15
N TYR B 59 -17.42 -7.50 18.87
CA TYR B 59 -16.16 -7.88 18.27
C TYR B 59 -15.99 -9.38 18.31
N VAL B 60 -17.11 -10.05 18.61
CA VAL B 60 -17.25 -11.47 18.35
C VAL B 60 -18.00 -11.55 17.03
N LEU B 61 -17.25 -11.39 15.94
CA LEU B 61 -17.82 -11.33 14.58
C LEU B 61 -17.57 -12.60 13.74
N MSE B 62 -16.85 -13.55 14.29
CA MSE B 62 -16.80 -14.88 13.69
C MSE B 62 -16.64 -15.95 14.75
O MSE B 62 -16.14 -15.67 15.83
CB MSE B 62 -15.77 -15.04 12.56
CG MSE B 62 -14.54 -14.18 12.58
SE MSE B 62 -13.60 -14.52 10.91
CE MSE B 62 -13.79 -16.48 10.77
N PRO B 63 -17.06 -17.19 14.41
CA PRO B 63 -17.41 -18.10 15.51
C PRO B 63 -16.19 -18.78 16.16
N GLY B 64 -16.11 -18.72 17.50
CA GLY B 64 -14.96 -19.24 18.26
C GLY B 64 -13.88 -18.21 18.60
N MSE B 65 -14.03 -17.00 18.07
CA MSE B 65 -12.99 -16.00 18.12
C MSE B 65 -13.52 -14.68 18.64
O MSE B 65 -14.67 -14.33 18.37
CB MSE B 65 -12.42 -15.82 16.71
CG MSE B 65 -13.35 -15.01 15.79
SE MSE B 65 -12.98 -13.06 15.75
CE MSE B 65 -14.76 -12.36 15.92
N ALA B 66 -12.71 -13.96 19.39
CA ALA B 66 -13.04 -12.61 19.75
C ALA B 66 -11.84 -11.73 19.46
N MSE B 67 -12.11 -10.54 18.97
CA MSE B 67 -11.08 -9.53 18.79
C MSE B 67 -11.37 -8.27 19.61
O MSE B 67 -11.77 -7.23 19.09
CB MSE B 67 -10.88 -9.24 17.30
CG MSE B 67 -12.18 -8.95 16.55
SE MSE B 67 -11.89 -8.13 14.79
CE MSE B 67 -10.55 -6.81 15.35
N PRO B 68 -11.15 -8.36 20.92
CA PRO B 68 -11.52 -7.27 21.81
C PRO B 68 -10.72 -5.97 21.59
N HIS B 69 -11.44 -4.87 21.48
CA HIS B 69 -10.85 -3.54 21.32
C HIS B 69 -11.87 -2.51 21.77
N ALA B 70 -11.42 -1.26 21.85
CA ALA B 70 -12.32 -0.20 22.23
C ALA B 70 -11.86 1.09 21.62
N GLU B 71 -12.55 2.16 22.03
CA GLU B 71 -12.15 3.58 21.91
C GLU B 71 -10.67 3.79 21.62
N ALA B 72 -10.32 3.84 20.32
CA ALA B 72 -8.92 3.82 19.88
C ALA B 72 -8.03 4.98 20.41
N GLY B 73 -7.55 4.79 21.64
CA GLY B 73 -6.72 5.79 22.31
C GLY B 73 -7.26 6.21 23.68
N LEU B 74 -8.28 5.51 24.16
CA LEU B 74 -8.62 5.72 25.55
C LEU B 74 -7.91 4.63 26.37
N GLY B 75 -6.63 4.88 26.64
CA GLY B 75 -5.77 3.94 27.38
C GLY B 75 -4.70 3.35 26.49
N VAL B 76 -4.83 3.54 25.19
CA VAL B 76 -3.81 3.07 24.25
C VAL B 76 -2.66 4.07 24.27
N ASN B 77 -1.44 3.59 24.07
CA ASN B 77 -0.30 4.45 23.88
C ASN B 77 0.62 3.92 22.80
N ARG B 78 0.23 2.76 22.25
CA ARG B 78 0.94 2.10 21.13
C ARG B 78 -0.03 1.22 20.30
N ASN B 79 0.28 1.00 19.02
CA ASN B 79 -0.44 0.02 18.17
C ASN B 79 -0.02 -1.39 18.48
N ALA B 80 -0.97 -2.25 18.83
CA ALA B 80 -0.56 -3.58 19.21
C ALA B 80 -1.61 -4.65 19.03
N PHE B 81 -1.12 -5.88 18.96
CA PHE B 81 -1.92 -7.08 18.93
C PHE B 81 -1.44 -7.98 20.07
N ALA B 82 -2.39 -8.64 20.71
CA ALA B 82 -2.12 -9.83 21.53
C ALA B 82 -3.06 -10.96 21.09
N LEU B 83 -2.68 -12.20 21.36
CA LEU B 83 -3.53 -13.34 21.08
C LEU B 83 -3.42 -14.38 22.14
N ILE B 84 -4.57 -14.74 22.66
CA ILE B 84 -4.58 -15.72 23.70
C ILE B 84 -5.50 -16.88 23.32
N THR B 85 -5.18 -18.03 23.92
CA THR B 85 -5.88 -19.28 23.74
C THR B 85 -6.35 -19.73 25.12
N LEU B 86 -7.57 -20.19 25.16
CA LEU B 86 -8.14 -20.65 26.40
C LEU B 86 -8.17 -22.18 26.48
N THR B 87 -8.30 -22.70 27.70
CA THR B 87 -8.24 -24.14 27.92
C THR B 87 -9.66 -24.76 28.06
N LYS B 88 -10.64 -24.06 27.47
CA LYS B 88 -12.07 -24.38 27.46
C LYS B 88 -12.82 -23.05 27.17
N PRO B 89 -13.69 -23.04 26.14
CA PRO B 89 -14.31 -21.78 25.69
C PRO B 89 -15.12 -21.03 26.77
N VAL B 90 -15.40 -19.78 26.47
CA VAL B 90 -16.18 -18.93 27.33
C VAL B 90 -17.42 -18.43 26.57
N THR B 91 -18.42 -17.96 27.32
CA THR B 91 -19.68 -17.58 26.71
C THR B 91 -19.95 -16.10 26.92
N PHE B 92 -20.06 -15.36 25.82
CA PHE B 92 -20.47 -13.95 25.84
C PHE B 92 -21.99 -13.78 25.92
N SER B 93 -22.44 -12.60 26.35
CA SER B 93 -23.87 -12.29 26.61
C SER B 93 -24.88 -12.49 25.47
N ASP B 94 -24.44 -13.04 24.34
CA ASP B 94 -25.37 -13.41 23.29
C ASP B 94 -25.40 -14.94 22.99
N GLY B 95 -24.63 -15.71 23.76
CA GLY B 95 -24.57 -17.17 23.63
C GLY B 95 -23.48 -17.70 22.69
N LYS B 96 -22.54 -16.83 22.36
CA LYS B 96 -21.41 -17.20 21.49
C LYS B 96 -20.21 -17.62 22.33
N GLU B 97 -19.66 -18.78 21.96
CA GLU B 97 -18.47 -19.38 22.60
C GLU B 97 -17.20 -18.78 21.98
N VAL B 98 -16.24 -18.42 22.83
CA VAL B 98 -14.91 -17.95 22.39
C VAL B 98 -13.80 -18.75 23.08
N SER B 99 -12.93 -19.37 22.28
CA SER B 99 -11.69 -20.02 22.79
C SER B 99 -10.43 -19.20 22.43
N VAL B 100 -10.54 -18.29 21.46
CA VAL B 100 -9.39 -17.49 21.00
C VAL B 100 -9.71 -16.01 21.04
N LEU B 101 -8.83 -15.24 21.67
CA LEU B 101 -9.01 -13.81 21.77
C LEU B 101 -7.78 -13.08 21.26
N LEU B 102 -8.01 -12.31 20.22
CA LEU B 102 -6.95 -11.59 19.58
C LEU B 102 -7.28 -10.14 19.78
N THR B 103 -6.73 -9.54 20.84
CA THR B 103 -6.82 -8.10 21.14
C THR B 103 -6.02 -7.21 20.19
N LEU B 104 -6.73 -6.19 19.73
CA LEU B 104 -6.24 -5.16 18.81
C LEU B 104 -6.18 -3.86 19.63
N ALA B 105 -5.12 -3.08 19.44
CA ALA B 105 -4.99 -1.78 20.14
C ALA B 105 -4.40 -0.74 19.21
N ALA B 106 -5.14 0.35 19.02
CA ALA B 106 -4.74 1.34 18.04
C ALA B 106 -4.87 2.79 18.53
N THR B 107 -3.81 3.58 18.36
CA THR B 107 -3.90 5.02 18.64
C THR B 107 -4.74 5.80 17.59
N ASP B 108 -5.59 5.09 16.83
CA ASP B 108 -6.45 5.74 15.83
C ASP B 108 -7.46 4.73 15.22
N PRO B 109 -8.78 5.03 15.28
CA PRO B 109 -9.85 4.05 14.92
C PRO B 109 -10.06 3.82 13.42
N SER B 110 -9.58 4.76 12.61
CA SER B 110 -9.51 4.56 11.18
C SER B 110 -8.75 3.28 10.85
N ILE B 111 -7.73 2.98 11.66
CA ILE B 111 -6.85 1.79 11.54
C ILE B 111 -7.54 0.42 11.74
N HIS B 112 -8.49 0.34 12.67
CA HIS B 112 -9.15 -0.96 12.94
C HIS B 112 -9.52 -1.66 11.63
N THR B 113 -10.16 -0.89 10.77
CA THR B 113 -10.87 -1.41 9.63
C THR B 113 -9.92 -1.55 8.45
N THR B 114 -8.94 -0.67 8.38
CA THR B 114 -8.04 -0.60 7.23
C THR B 114 -6.80 -1.46 7.35
N VAL B 115 -6.27 -1.60 8.56
CA VAL B 115 -5.00 -2.31 8.81
C VAL B 115 -5.23 -3.51 9.68
N ALA B 116 -5.69 -3.30 10.91
CA ALA B 116 -5.90 -4.35 11.92
C ALA B 116 -6.82 -5.51 11.52
N ILE B 117 -8.11 -5.22 11.37
CA ILE B 117 -9.15 -6.24 11.19
C ILE B 117 -8.85 -7.24 10.07
N PRO B 118 -8.46 -6.74 8.88
CA PRO B 118 -8.17 -7.70 7.79
C PRO B 118 -7.07 -8.72 8.10
N GLN B 119 -6.01 -8.34 8.80
CA GLN B 119 -4.92 -9.28 9.14
C GLN B 119 -5.47 -10.42 10.02
N ILE B 120 -6.44 -10.06 10.83
CA ILE B 120 -7.13 -10.95 11.73
C ILE B 120 -8.03 -11.84 10.91
N VAL B 121 -8.82 -11.24 10.03
CA VAL B 121 -9.73 -12.07 9.24
C VAL B 121 -8.93 -13.11 8.41
N ALA B 122 -7.86 -12.65 7.75
CA ALA B 122 -6.91 -13.56 7.07
C ALA B 122 -6.54 -14.76 7.96
N LEU B 123 -6.27 -14.49 9.25
CA LEU B 123 -5.83 -15.53 10.16
C LEU B 123 -6.95 -16.56 10.43
N PHE B 124 -8.13 -16.10 10.84
CA PHE B 124 -9.26 -16.99 11.12
C PHE B 124 -9.92 -17.58 9.88
N GLU B 125 -9.52 -17.09 8.70
CA GLU B 125 -9.94 -17.67 7.42
C GLU B 125 -9.14 -18.90 7.03
N LEU B 126 -7.98 -19.10 7.64
CA LEU B 126 -7.29 -20.40 7.53
C LEU B 126 -8.23 -21.57 7.80
N ASP B 127 -7.95 -22.70 7.15
CA ASP B 127 -8.80 -23.84 7.27
C ASP B 127 -8.70 -24.37 8.70
N ASN B 128 -9.87 -24.64 9.29
CA ASN B 128 -9.96 -25.13 10.66
C ASN B 128 -9.11 -24.27 11.63
N ALA B 129 -9.23 -22.94 11.51
CA ALA B 129 -8.28 -22.03 12.13
C ALA B 129 -8.30 -22.13 13.65
N ILE B 130 -9.50 -22.22 14.22
CA ILE B 130 -9.60 -22.11 15.68
C ILE B 130 -8.94 -23.26 16.46
N GLU B 131 -9.17 -24.48 15.99
CA GLU B 131 -8.75 -25.66 16.70
C GLU B 131 -7.25 -25.86 16.47
N ARG B 132 -6.80 -25.51 15.26
CA ARG B 132 -5.37 -25.37 15.05
C ARG B 132 -4.70 -24.35 16.00
N LEU B 133 -5.38 -23.22 16.27
CA LEU B 133 -4.87 -22.19 17.19
C LEU B 133 -4.75 -22.72 18.62
N VAL B 134 -5.86 -23.30 19.10
CA VAL B 134 -5.92 -24.02 20.37
C VAL B 134 -4.76 -25.03 20.53
N ALA B 135 -4.62 -25.96 19.59
CA ALA B 135 -3.64 -27.05 19.66
C ALA B 135 -2.17 -26.60 19.59
N CYS B 136 -1.94 -25.33 19.23
CA CYS B 136 -0.58 -24.76 19.24
C CYS B 136 0.10 -24.92 20.58
N GLN B 137 1.39 -25.21 20.57
CA GLN B 137 2.19 -25.53 21.75
C GLN B 137 3.27 -24.45 22.06
N SER B 138 3.56 -23.57 21.10
CA SER B 138 4.51 -22.49 21.31
C SER B 138 3.98 -21.19 20.71
N PRO B 139 4.49 -20.04 21.19
CA PRO B 139 4.26 -18.91 20.28
C PRO B 139 4.66 -19.16 18.80
N LYS B 140 5.86 -19.71 18.52
CA LYS B 140 6.28 -19.96 17.12
C LYS B 140 5.27 -20.74 16.27
N GLU B 141 4.67 -21.79 16.82
CA GLU B 141 3.59 -22.48 16.12
C GLU B 141 2.51 -21.48 15.62
N VAL B 142 2.07 -20.60 16.52
CA VAL B 142 1.13 -19.53 16.23
C VAL B 142 1.66 -18.55 15.18
N LEU B 143 2.88 -18.03 15.42
CA LEU B 143 3.58 -17.13 14.48
C LEU B 143 3.71 -17.69 13.07
N GLU B 144 3.80 -19.01 12.96
CA GLU B 144 3.95 -19.64 11.66
C GLU B 144 2.60 -19.76 10.96
N MSE B 145 1.54 -19.92 11.75
CA MSE B 145 0.14 -19.87 11.28
C MSE B 145 -0.28 -18.46 10.82
O MSE B 145 -1.02 -18.29 9.86
CB MSE B 145 -0.75 -20.28 12.44
CG MSE B 145 -1.98 -21.03 12.06
SE MSE B 145 -2.47 -22.23 13.52
CE MSE B 145 -4.41 -22.11 13.23
N VAL B 146 0.20 -17.45 11.54
CA VAL B 146 0.05 -16.06 11.14
C VAL B 146 0.75 -15.83 9.80
N GLU B 147 1.94 -16.41 9.64
CA GLU B 147 2.73 -16.34 8.42
C GLU B 147 2.04 -17.10 7.26
N GLU B 148 1.54 -18.28 7.53
CA GLU B 148 0.77 -18.95 6.51
C GLU B 148 -0.46 -18.13 6.08
N SER B 149 -1.05 -17.38 7.01
CA SER B 149 -2.30 -16.64 6.75
C SER B 149 -2.14 -15.46 5.79
N LYS B 150 -0.92 -15.03 5.52
CA LYS B 150 -0.68 -14.08 4.44
C LYS B 150 -0.29 -14.85 3.18
N ASP B 151 -1.28 -15.20 2.37
CA ASP B 151 -1.20 -16.19 1.27
C ASP B 151 -2.63 -16.66 0.91
N ALA C 1 15.47 -7.72 2.51
CA ALA C 1 14.14 -7.09 2.21
C ALA C 1 14.05 -6.86 0.71
N MSE C 2 14.48 -5.68 0.23
CA MSE C 2 14.58 -5.63 -1.22
C MSE C 2 15.87 -5.63 -1.99
O MSE C 2 16.28 -4.65 -2.61
CB MSE C 2 13.41 -5.02 -1.95
CG MSE C 2 13.16 -5.98 -3.10
SE MSE C 2 11.33 -6.46 -3.42
CE MSE C 2 10.74 -4.65 -4.02
N ASN C 3 16.47 -6.81 -1.92
CA ASN C 3 17.64 -7.14 -2.67
C ASN C 3 17.18 -7.76 -3.99
N LEU C 4 17.68 -7.21 -5.10
CA LEU C 4 17.24 -7.60 -6.43
C LEU C 4 17.47 -9.07 -6.69
N LYS C 5 18.71 -9.50 -6.45
CA LYS C 5 19.16 -10.83 -6.81
C LYS C 5 18.38 -11.90 -6.05
N GLN C 6 18.21 -11.67 -4.76
CA GLN C 6 17.51 -12.59 -3.92
C GLN C 6 16.03 -12.62 -4.27
N ALA C 7 15.49 -11.46 -4.63
CA ALA C 7 14.09 -11.37 -5.05
C ALA C 7 13.81 -12.25 -6.28
N LEU C 8 14.74 -12.26 -7.23
CA LEU C 8 14.69 -13.09 -8.43
C LEU C 8 14.79 -14.57 -8.11
N ILE C 9 15.72 -14.94 -7.23
CA ILE C 9 15.75 -16.29 -6.67
C ILE C 9 14.44 -16.69 -5.92
N ASP C 10 14.04 -15.93 -4.91
CA ASP C 10 12.88 -16.34 -4.08
C ASP C 10 11.57 -16.51 -4.87
N ASN C 11 11.44 -15.73 -5.96
CA ASN C 11 10.23 -15.71 -6.78
C ASN C 11 10.41 -16.46 -8.07
N ASN C 12 11.67 -16.81 -8.38
CA ASN C 12 11.91 -17.65 -9.53
C ASN C 12 11.38 -16.93 -10.76
N SER C 13 11.70 -15.65 -10.88
CA SER C 13 10.88 -14.78 -11.69
C SER C 13 11.71 -14.23 -12.81
N ILE C 14 12.51 -15.12 -13.38
CA ILE C 14 13.35 -14.86 -14.51
C ILE C 14 12.88 -15.71 -15.69
N ARG C 15 12.61 -15.07 -16.81
CA ARG C 15 12.22 -15.80 -17.99
C ARG C 15 12.99 -15.24 -19.17
N LEU C 16 13.53 -16.13 -19.97
CA LEU C 16 14.36 -15.77 -21.06
C LEU C 16 13.68 -16.24 -22.34
N GLY C 17 13.80 -15.44 -23.39
CA GLY C 17 13.49 -15.87 -24.73
C GLY C 17 12.03 -15.92 -25.01
N LEU C 18 11.25 -15.03 -24.39
CA LEU C 18 9.81 -15.01 -24.58
C LEU C 18 9.47 -14.12 -25.82
N SER C 19 8.20 -14.12 -26.29
CA SER C 19 7.78 -13.24 -27.39
C SER C 19 6.46 -12.57 -27.14
N ALA C 20 6.37 -11.34 -27.62
CA ALA C 20 5.17 -10.53 -27.43
C ALA C 20 5.02 -9.75 -28.68
N ASP C 21 3.77 -9.54 -29.11
CA ASP C 21 3.50 -8.81 -30.34
C ASP C 21 3.28 -7.34 -30.05
N THR C 22 2.72 -7.07 -28.86
CA THR C 22 2.32 -5.74 -28.40
C THR C 22 2.90 -5.47 -27.02
N TRP C 23 2.94 -4.21 -26.59
CA TRP C 23 3.51 -3.87 -25.28
C TRP C 23 2.66 -4.43 -24.14
N GLN C 24 1.32 -4.40 -24.27
CA GLN C 24 0.39 -5.02 -23.31
C GLN C 24 0.75 -6.48 -23.06
N GLU C 25 0.89 -7.26 -24.13
CA GLU C 25 1.40 -8.64 -23.99
C GLU C 25 2.73 -8.84 -23.21
N ALA C 26 3.68 -7.93 -23.43
CA ALA C 26 5.03 -8.07 -22.88
C ALA C 26 4.95 -7.73 -21.42
N VAL C 27 4.05 -6.79 -21.12
CA VAL C 27 3.71 -6.49 -19.74
C VAL C 27 3.03 -7.67 -19.03
N ARG C 28 2.00 -8.26 -19.61
CA ARG C 28 1.46 -9.50 -19.10
C ARG C 28 2.56 -10.54 -18.82
N LEU C 29 3.42 -10.81 -19.79
CA LEU C 29 4.49 -11.80 -19.65
C LEU C 29 5.46 -11.44 -18.50
N ALA C 30 5.78 -10.14 -18.37
CA ALA C 30 6.63 -9.61 -17.32
C ALA C 30 6.01 -9.78 -15.94
N VAL C 31 4.67 -9.70 -15.88
CA VAL C 31 4.05 -9.72 -14.57
C VAL C 31 3.84 -11.17 -14.12
N GLN C 32 3.56 -12.06 -15.08
CA GLN C 32 3.23 -13.44 -14.80
C GLN C 32 4.06 -14.22 -13.73
N PRO C 33 5.42 -14.20 -13.82
CA PRO C 33 6.20 -14.88 -12.80
C PRO C 33 5.68 -14.55 -11.40
N LEU C 34 5.39 -13.28 -11.18
CA LEU C 34 4.90 -12.85 -9.90
C LEU C 34 3.46 -13.32 -9.59
N ILE C 35 2.66 -13.64 -10.59
CA ILE C 35 1.42 -14.32 -10.28
C ILE C 35 1.74 -15.76 -9.85
N ASP C 36 2.53 -16.50 -10.64
CA ASP C 36 2.99 -17.85 -10.32
C ASP C 36 3.49 -17.92 -8.88
N SER C 37 4.38 -17.01 -8.51
CA SER C 37 4.97 -17.02 -7.17
C SER C 37 4.01 -16.53 -6.06
N LYS C 38 2.84 -15.97 -6.43
CA LYS C 38 1.87 -15.35 -5.53
C LYS C 38 2.31 -14.01 -4.92
N ALA C 39 3.42 -13.44 -5.36
CA ALA C 39 3.71 -12.12 -4.83
C ALA C 39 2.67 -11.10 -5.35
N VAL C 40 1.97 -11.44 -6.43
CA VAL C 40 0.92 -10.56 -6.89
C VAL C 40 -0.25 -11.30 -7.51
N THR C 41 -1.28 -10.54 -7.74
CA THR C 41 -2.50 -11.04 -8.24
C THR C 41 -2.53 -10.36 -9.60
N SER C 42 -3.25 -10.91 -10.57
CA SER C 42 -3.37 -10.23 -11.88
C SER C 42 -3.85 -8.76 -11.83
N ALA C 43 -4.61 -8.38 -10.80
CA ALA C 43 -4.88 -6.96 -10.57
C ALA C 43 -3.66 -6.03 -10.75
N TYR C 44 -2.48 -6.50 -10.33
CA TYR C 44 -1.27 -5.72 -10.50
C TYR C 44 -1.00 -5.46 -11.97
N TYR C 45 -1.16 -6.51 -12.79
CA TYR C 45 -1.07 -6.39 -14.25
C TYR C 45 -2.10 -5.34 -14.77
N ASP C 46 -3.33 -5.40 -14.25
CA ASP C 46 -4.36 -4.40 -14.64
C ASP C 46 -4.04 -2.98 -14.23
N ALA C 47 -3.57 -2.79 -13.02
CA ALA C 47 -3.14 -1.51 -12.56
C ALA C 47 -1.99 -0.93 -13.44
N ILE C 48 -1.02 -1.78 -13.79
CA ILE C 48 0.06 -1.39 -14.71
C ILE C 48 -0.50 -0.98 -16.05
N ILE C 49 -1.35 -1.82 -16.65
CA ILE C 49 -1.95 -1.47 -17.98
C ILE C 49 -2.64 -0.12 -17.97
N ALA C 50 -3.46 0.10 -16.94
CA ALA C 50 -4.26 1.30 -16.79
C ALA C 50 -3.46 2.58 -16.50
N SER C 51 -2.35 2.48 -15.76
CA SER C 51 -1.43 3.62 -15.59
C SER C 51 -0.68 3.93 -16.88
N THR C 52 -0.35 2.90 -17.66
CA THR C 52 0.37 3.11 -18.91
C THR C 52 -0.54 3.86 -19.90
N GLU C 53 -1.80 3.44 -20.03
CA GLU C 53 -2.76 4.12 -20.87
C GLU C 53 -3.09 5.56 -20.45
N LYS C 54 -3.21 5.80 -19.14
CA LYS C 54 -3.35 7.18 -18.68
C LYS C 54 -2.07 8.03 -18.81
N TYR C 55 -0.89 7.47 -18.59
CA TYR C 55 0.30 8.33 -18.46
C TYR C 55 1.34 8.15 -19.52
N GLY C 56 1.14 7.18 -20.40
CA GLY C 56 2.22 6.81 -21.28
C GLY C 56 3.19 5.87 -20.59
N PRO C 57 4.18 5.37 -21.36
CA PRO C 57 5.08 4.35 -20.84
C PRO C 57 6.19 5.00 -20.06
N TYR C 58 5.82 5.54 -18.90
CA TYR C 58 6.70 6.31 -18.03
C TYR C 58 7.85 5.48 -17.47
N TYR C 59 7.69 4.15 -17.46
CA TYR C 59 8.73 3.25 -16.87
C TYR C 59 9.74 2.66 -17.88
N VAL C 60 9.78 3.22 -19.08
CA VAL C 60 10.77 2.81 -20.06
C VAL C 60 12.02 3.69 -19.85
N LEU C 61 12.96 3.16 -19.05
CA LEU C 61 14.11 3.88 -18.51
C LEU C 61 15.24 4.19 -19.47
N MSE C 62 15.76 3.21 -20.22
CA MSE C 62 16.51 3.52 -21.45
C MSE C 62 16.01 2.55 -22.51
O MSE C 62 15.33 1.58 -22.16
CB MSE C 62 18.04 3.37 -21.38
CG MSE C 62 18.64 3.09 -20.07
SE MSE C 62 19.16 1.21 -19.68
CE MSE C 62 18.32 1.28 -17.89
N PRO C 63 16.39 2.77 -23.79
CA PRO C 63 15.89 1.88 -24.85
C PRO C 63 16.45 0.48 -24.66
N GLY C 64 15.61 -0.51 -24.92
CA GLY C 64 15.92 -1.87 -24.57
C GLY C 64 15.30 -2.24 -23.25
N MSE C 65 15.13 -1.28 -22.36
CA MSE C 65 14.67 -1.67 -21.03
C MSE C 65 13.41 -0.96 -20.50
O MSE C 65 13.11 0.18 -20.85
CB MSE C 65 15.85 -1.72 -20.05
CG MSE C 65 15.99 -0.55 -19.18
SE MSE C 65 15.01 -0.71 -17.49
CE MSE C 65 13.56 0.46 -17.83
N ALA C 66 12.67 -1.69 -19.65
CA ALA C 66 11.47 -1.18 -18.96
C ALA C 66 11.45 -1.76 -17.55
N MSE C 67 11.07 -0.93 -16.59
CA MSE C 67 10.74 -1.44 -15.27
C MSE C 67 9.28 -1.19 -14.91
O MSE C 67 8.98 -0.28 -14.16
CB MSE C 67 11.75 -1.00 -14.18
CG MSE C 67 11.53 0.33 -13.47
SE MSE C 67 12.61 0.39 -11.77
CE MSE C 67 12.41 -1.49 -11.35
N PRO C 68 8.38 -2.05 -15.42
CA PRO C 68 6.95 -1.97 -15.22
C PRO C 68 6.57 -1.96 -13.76
N HIS C 69 5.90 -0.88 -13.32
CA HIS C 69 5.24 -0.87 -12.02
C HIS C 69 3.97 -0.03 -12.13
N ALA C 70 3.12 -0.10 -11.11
CA ALA C 70 1.92 0.71 -11.06
C ALA C 70 2.14 1.96 -10.18
N GLU C 71 1.19 2.91 -10.32
CA GLU C 71 1.07 4.07 -9.45
C GLU C 71 0.89 3.68 -7.97
N ALA C 72 0.16 2.57 -7.77
CA ALA C 72 -0.27 2.09 -6.44
C ALA C 72 -0.15 0.54 -6.34
N GLY C 73 0.04 0.05 -5.13
CA GLY C 73 0.27 -1.38 -4.91
C GLY C 73 -0.94 -2.31 -4.94
N LEU C 74 -1.80 -2.17 -5.95
CA LEU C 74 -2.95 -3.08 -6.00
C LEU C 74 -2.65 -4.45 -6.63
N GLY C 75 -3.14 -5.48 -5.95
CA GLY C 75 -2.76 -6.87 -6.19
C GLY C 75 -1.37 -7.23 -5.73
N VAL C 76 -0.69 -6.37 -4.97
CA VAL C 76 0.63 -6.71 -4.50
C VAL C 76 0.51 -7.24 -3.08
N ASN C 77 0.82 -8.52 -2.88
CA ASN C 77 0.83 -8.99 -1.52
C ASN C 77 2.17 -9.43 -1.03
N ARG C 78 3.19 -8.58 -1.24
CA ARG C 78 4.60 -8.90 -0.93
C ARG C 78 5.44 -8.27 -2.01
N ASN C 79 6.38 -7.42 -1.61
CA ASN C 79 7.35 -6.82 -2.55
C ASN C 79 8.19 -7.91 -3.21
N ALA C 80 8.66 -7.68 -4.44
CA ALA C 80 9.22 -8.71 -5.34
C ALA C 80 9.69 -8.06 -6.61
N PHE C 81 10.64 -8.71 -7.31
CA PHE C 81 11.05 -8.35 -8.67
C PHE C 81 10.91 -9.53 -9.61
N ALA C 82 10.73 -9.22 -10.91
CA ALA C 82 10.80 -10.20 -11.98
C ALA C 82 11.72 -9.65 -13.10
N LEU C 83 12.21 -10.51 -13.98
CA LEU C 83 13.03 -10.01 -15.09
C LEU C 83 12.80 -10.99 -16.25
N ILE C 84 12.37 -10.44 -17.38
CA ILE C 84 12.16 -11.24 -18.56
C ILE C 84 12.82 -10.56 -19.77
N THR C 85 13.15 -11.39 -20.73
CA THR C 85 13.88 -11.01 -21.89
C THR C 85 12.99 -11.38 -23.09
N LEU C 86 13.07 -10.63 -24.19
CA LEU C 86 12.35 -11.00 -25.42
C LEU C 86 13.28 -11.27 -26.62
N THR C 87 12.83 -12.11 -27.53
CA THR C 87 13.50 -12.44 -28.79
C THR C 87 13.47 -11.31 -29.87
N LYS C 88 12.38 -10.53 -29.88
CA LYS C 88 12.24 -9.33 -30.68
C LYS C 88 11.91 -8.19 -29.71
N PRO C 89 12.33 -6.97 -30.04
CA PRO C 89 11.85 -5.84 -29.26
C PRO C 89 10.33 -5.65 -29.39
N VAL C 90 9.77 -4.94 -28.43
CA VAL C 90 8.38 -4.63 -28.43
C VAL C 90 8.36 -3.12 -28.31
N THR C 91 7.37 -2.47 -28.90
CA THR C 91 7.30 -1.03 -29.01
C THR C 91 6.24 -0.50 -28.10
N PHE C 92 6.61 0.41 -27.22
CA PHE C 92 5.65 1.15 -26.40
C PHE C 92 5.01 2.29 -27.20
N SER C 93 3.95 2.89 -26.69
CA SER C 93 3.06 3.62 -27.58
C SER C 93 3.61 4.99 -28.05
N ASP C 94 4.79 5.32 -27.52
CA ASP C 94 5.52 6.52 -27.85
C ASP C 94 6.75 6.15 -28.69
N GLY C 95 6.72 4.94 -29.25
CA GLY C 95 7.78 4.47 -30.13
C GLY C 95 9.02 3.83 -29.53
N LYS C 96 9.17 3.86 -28.20
CA LYS C 96 10.34 3.21 -27.54
C LYS C 96 10.28 1.70 -27.64
N GLU C 97 11.38 1.12 -28.10
CA GLU C 97 11.53 -0.32 -28.22
C GLU C 97 12.24 -0.90 -26.99
N VAL C 98 11.77 -2.10 -26.60
CA VAL C 98 12.10 -2.70 -25.32
C VAL C 98 12.25 -4.17 -25.51
N SER C 99 13.34 -4.70 -24.95
CA SER C 99 13.72 -6.08 -25.09
C SER C 99 13.85 -6.77 -23.71
N VAL C 100 13.96 -5.96 -22.66
CA VAL C 100 14.06 -6.44 -21.29
C VAL C 100 13.10 -5.70 -20.36
N LEU C 101 12.34 -6.46 -19.55
CA LEU C 101 11.38 -5.93 -18.57
C LEU C 101 11.61 -6.49 -17.16
N LEU C 102 11.90 -5.57 -16.24
CA LEU C 102 12.14 -5.86 -14.85
C LEU C 102 10.99 -5.30 -14.09
N THR C 103 10.03 -6.16 -13.75
CA THR C 103 8.92 -5.70 -12.98
C THR C 103 9.33 -5.44 -11.51
N LEU C 104 9.01 -4.24 -11.03
CA LEU C 104 8.94 -3.95 -9.60
C LEU C 104 7.50 -4.03 -9.07
N ALA C 105 7.23 -4.99 -8.20
CA ALA C 105 5.97 -5.01 -7.46
C ALA C 105 6.25 -4.50 -6.03
N ALA C 106 5.71 -3.34 -5.69
CA ALA C 106 5.87 -2.76 -4.35
C ALA C 106 4.50 -2.44 -3.76
N THR C 107 4.32 -2.75 -2.48
CA THR C 107 3.10 -2.33 -1.78
C THR C 107 2.95 -0.79 -1.78
N ASP C 108 4.05 -0.08 -1.58
CA ASP C 108 4.05 1.39 -1.59
C ASP C 108 5.05 1.98 -2.63
N PRO C 109 4.66 1.98 -3.91
CA PRO C 109 5.54 2.43 -5.02
C PRO C 109 6.05 3.87 -4.89
N SER C 110 5.39 4.69 -4.11
CA SER C 110 5.81 6.09 -3.92
C SER C 110 7.27 6.17 -3.47
N ILE C 111 7.61 5.31 -2.52
CA ILE C 111 8.94 5.30 -1.93
C ILE C 111 9.77 4.16 -2.48
N HIS C 112 9.15 3.01 -2.75
CA HIS C 112 9.93 1.82 -3.10
C HIS C 112 10.63 1.92 -4.45
N THR C 113 10.02 2.60 -5.39
CA THR C 113 10.60 2.69 -6.73
C THR C 113 11.86 3.55 -6.77
N THR C 114 11.89 4.61 -5.95
CA THR C 114 13.11 5.43 -5.81
C THR C 114 14.23 4.66 -5.06
N VAL C 115 13.83 3.89 -4.05
CA VAL C 115 14.69 2.96 -3.33
C VAL C 115 15.36 1.89 -4.24
N ALA C 116 14.58 1.31 -5.13
CA ALA C 116 15.06 0.23 -6.00
C ALA C 116 15.98 0.70 -7.13
N ILE C 117 15.92 1.98 -7.46
CA ILE C 117 16.62 2.55 -8.60
C ILE C 117 18.12 2.23 -8.70
N PRO C 118 18.90 2.50 -7.64
CA PRO C 118 20.33 2.21 -7.71
C PRO C 118 20.65 0.78 -8.16
N GLN C 119 19.87 -0.20 -7.71
CA GLN C 119 20.18 -1.59 -8.05
C GLN C 119 19.89 -1.80 -9.53
N ILE C 120 18.67 -1.46 -9.96
CA ILE C 120 18.32 -1.41 -11.37
C ILE C 120 19.38 -0.69 -12.16
N VAL C 121 19.80 0.49 -11.69
CA VAL C 121 20.84 1.27 -12.39
C VAL C 121 22.22 0.62 -12.40
N ALA C 122 22.61 -0.01 -11.28
CA ALA C 122 23.80 -0.88 -11.18
C ALA C 122 23.84 -1.95 -12.28
N LEU C 123 22.71 -2.63 -12.48
CA LEU C 123 22.62 -3.72 -13.42
C LEU C 123 22.74 -3.22 -14.87
N PHE C 124 22.20 -2.04 -15.15
CA PHE C 124 22.30 -1.57 -16.53
C PHE C 124 23.53 -0.70 -16.80
N GLU C 125 24.27 -0.37 -15.74
CA GLU C 125 25.55 0.34 -15.87
C GLU C 125 26.60 -0.54 -16.52
N LEU C 126 26.37 -1.86 -16.42
CA LEU C 126 27.24 -2.89 -17.00
C LEU C 126 27.38 -2.69 -18.49
N ASP C 127 28.57 -2.96 -19.04
CA ASP C 127 28.80 -2.78 -20.47
C ASP C 127 27.94 -3.76 -21.27
N ASN C 128 27.21 -3.18 -22.22
CA ASN C 128 26.39 -3.91 -23.13
C ASN C 128 25.27 -4.66 -22.38
N ALA C 129 24.83 -4.11 -21.24
CA ALA C 129 23.95 -4.83 -20.31
C ALA C 129 22.77 -5.43 -21.04
N ILE C 130 22.02 -4.60 -21.75
CA ILE C 130 20.77 -5.08 -22.24
C ILE C 130 21.08 -6.22 -23.20
N GLU C 131 22.01 -5.97 -24.14
CA GLU C 131 22.45 -6.99 -25.09
CA GLU C 131 22.41 -7.02 -25.10
C GLU C 131 23.00 -8.26 -24.42
N ARG C 132 23.57 -8.11 -23.25
CA ARG C 132 24.14 -9.25 -22.51
C ARG C 132 23.04 -10.12 -21.90
N LEU C 133 22.05 -9.43 -21.31
CA LEU C 133 20.84 -9.97 -20.77
C LEU C 133 20.05 -10.71 -21.80
N VAL C 134 19.76 -10.07 -22.90
CA VAL C 134 19.08 -10.70 -24.02
C VAL C 134 19.75 -11.96 -24.57
N ALA C 135 21.08 -12.08 -24.43
CA ALA C 135 21.81 -13.28 -24.82
C ALA C 135 21.75 -14.46 -23.85
N CYS C 136 21.55 -14.21 -22.55
CA CYS C 136 21.55 -15.26 -21.52
C CYS C 136 20.74 -16.51 -21.83
N GLN C 137 21.29 -17.64 -21.44
CA GLN C 137 20.69 -18.97 -21.64
C GLN C 137 20.14 -19.53 -20.37
N SER C 138 20.35 -18.84 -19.25
CA SER C 138 19.87 -19.39 -17.98
C SER C 138 19.66 -18.39 -16.87
N PRO C 139 18.62 -18.61 -16.08
CA PRO C 139 18.51 -17.77 -14.92
C PRO C 139 19.82 -17.49 -14.20
N LYS C 140 20.69 -18.51 -14.03
CA LYS C 140 21.97 -18.28 -13.33
C LYS C 140 22.89 -17.24 -14.00
N GLU C 141 22.99 -17.26 -15.32
CA GLU C 141 23.73 -16.22 -16.04
C GLU C 141 23.19 -14.82 -15.71
N VAL C 142 21.87 -14.71 -15.54
CA VAL C 142 21.28 -13.42 -15.26
C VAL C 142 21.72 -13.05 -13.85
N LEU C 143 21.56 -14.00 -12.93
CA LEU C 143 21.96 -13.85 -11.53
C LEU C 143 23.43 -13.45 -11.33
N GLU C 144 24.29 -13.98 -12.18
CA GLU C 144 25.71 -13.67 -12.18
C GLU C 144 25.93 -12.22 -12.52
N MSE C 145 25.18 -11.73 -13.52
CA MSE C 145 25.21 -10.35 -13.95
C MSE C 145 24.72 -9.42 -12.88
O MSE C 145 25.26 -8.33 -12.71
CB MSE C 145 24.37 -10.16 -15.19
CG MSE C 145 25.00 -10.64 -16.46
SE MSE C 145 23.97 -9.97 -17.98
CE MSE C 145 24.13 -8.02 -17.73
N VAL C 146 23.69 -9.85 -12.15
CA VAL C 146 23.16 -9.09 -11.01
C VAL C 146 24.19 -9.03 -9.88
N GLU C 147 24.93 -10.11 -9.69
CA GLU C 147 25.95 -10.25 -8.67
C GLU C 147 27.13 -9.34 -9.00
N GLU C 148 27.65 -9.48 -10.21
CA GLU C 148 28.61 -8.55 -10.76
C GLU C 148 28.17 -7.07 -10.73
N SER C 149 26.88 -6.85 -10.51
CA SER C 149 26.31 -5.51 -10.48
C SER C 149 26.55 -4.89 -9.08
N LYS C 150 27.05 -5.71 -8.16
CA LYS C 150 27.20 -5.28 -6.78
C LYS C 150 28.36 -4.30 -6.49
N ASP C 151 29.28 -4.18 -7.45
CA ASP C 151 30.38 -3.24 -7.33
C ASP C 151 30.01 -1.97 -8.08
N SER C 152 29.39 -0.96 -7.44
CA SER C 152 28.77 0.10 -8.27
C SER C 152 29.01 1.65 -8.10
N PRO C 153 28.41 2.35 -7.11
CA PRO C 153 27.66 2.25 -5.84
C PRO C 153 26.12 2.28 -5.83
N TYR C 154 25.47 1.17 -5.46
CA TYR C 154 26.06 -0.17 -5.43
C TYR C 154 25.04 -1.13 -6.06
N ALA D 1 6.94 15.26 -19.31
CA ALA D 1 8.05 15.72 -20.23
C ALA D 1 8.73 16.98 -19.68
N MSE D 2 9.92 16.80 -19.08
CA MSE D 2 10.63 17.87 -18.37
C MSE D 2 12.14 17.91 -18.56
O MSE D 2 12.88 17.15 -17.93
CB MSE D 2 10.30 17.80 -16.87
CG MSE D 2 9.46 18.97 -16.38
SE MSE D 2 10.32 19.78 -14.81
CE MSE D 2 10.20 18.27 -13.54
N ASN D 3 12.61 18.80 -19.44
CA ASN D 3 14.04 18.95 -19.73
C ASN D 3 14.77 19.55 -18.51
N LEU D 4 15.84 18.90 -18.08
CA LEU D 4 16.55 19.28 -16.85
C LEU D 4 17.32 20.61 -16.94
N LYS D 5 18.14 20.78 -17.97
CA LYS D 5 18.87 22.03 -18.20
C LYS D 5 17.88 23.17 -18.27
N GLN D 6 16.87 23.04 -19.14
CA GLN D 6 15.77 24.02 -19.18
C GLN D 6 15.06 24.23 -17.86
N ALA D 7 14.69 23.16 -17.17
CA ALA D 7 14.06 23.30 -15.86
C ALA D 7 14.90 24.20 -14.91
N LEU D 8 16.22 24.00 -14.93
CA LEU D 8 17.15 24.79 -14.11
C LEU D 8 17.25 26.21 -14.61
N ILE D 9 17.10 26.41 -15.90
CA ILE D 9 17.15 27.76 -16.46
C ILE D 9 15.85 28.49 -16.18
N ASP D 10 14.71 27.83 -16.45
CA ASP D 10 13.36 28.40 -16.24
C ASP D 10 13.09 28.80 -14.77
N ASN D 11 13.77 28.13 -13.85
CA ASN D 11 13.64 28.44 -12.44
C ASN D 11 14.86 29.18 -11.85
N ASN D 12 15.93 29.39 -12.63
CA ASN D 12 17.15 29.99 -12.06
C ASN D 12 17.55 29.36 -10.72
N SER D 13 17.53 28.01 -10.67
CA SER D 13 17.55 27.29 -9.40
C SER D 13 18.84 26.55 -9.03
N ILE D 14 19.94 26.89 -9.67
CA ILE D 14 21.24 26.33 -9.28
C ILE D 14 21.78 27.17 -8.13
N ARG D 15 22.24 26.54 -7.06
CA ARG D 15 22.90 27.30 -6.00
C ARG D 15 24.17 26.60 -5.59
N LEU D 16 25.24 27.38 -5.49
CA LEU D 16 26.60 26.80 -5.36
C LEU D 16 27.28 27.07 -4.03
N GLY D 17 27.70 25.95 -3.45
CA GLY D 17 28.57 25.92 -2.30
C GLY D 17 27.93 26.67 -1.19
N LEU D 18 26.64 26.38 -1.01
CA LEU D 18 25.93 26.73 0.20
C LEU D 18 26.44 25.75 1.24
N SER D 19 26.00 25.88 2.50
CA SER D 19 26.48 25.03 3.59
C SER D 19 25.43 24.84 4.66
N ALA D 20 25.29 23.58 5.05
CA ALA D 20 24.35 23.15 6.05
C ALA D 20 25.08 22.18 6.93
N ASP D 21 24.76 22.21 8.23
CA ASP D 21 25.29 21.21 9.15
C ASP D 21 24.23 20.11 9.49
N THR D 22 22.99 20.30 9.03
CA THR D 22 21.99 19.20 9.09
C THR D 22 21.40 18.87 7.73
N TRP D 23 20.88 17.64 7.62
CA TRP D 23 20.17 17.25 6.42
C TRP D 23 18.89 18.06 6.21
N GLN D 24 18.21 18.41 7.31
CA GLN D 24 17.07 19.34 7.26
C GLN D 24 17.46 20.75 6.74
N GLU D 25 18.63 21.24 7.18
CA GLU D 25 19.15 22.51 6.67
C GLU D 25 19.41 22.40 5.17
N ALA D 26 19.98 21.25 4.80
CA ALA D 26 20.32 20.94 3.41
C ALA D 26 19.10 20.84 2.49
N VAL D 27 18.05 20.18 2.96
CA VAL D 27 16.77 20.15 2.22
C VAL D 27 16.15 21.53 2.04
N ARG D 28 16.13 22.31 3.13
CA ARG D 28 15.52 23.64 3.13
C ARG D 28 16.21 24.51 2.10
N LEU D 29 17.52 24.40 2.07
CA LEU D 29 18.35 25.11 1.11
C LEU D 29 18.13 24.48 -0.26
N ALA D 30 17.93 23.16 -0.29
CA ALA D 30 17.64 22.45 -1.54
C ALA D 30 16.32 22.86 -2.17
N VAL D 31 15.29 23.09 -1.35
CA VAL D 31 13.99 23.52 -1.89
C VAL D 31 13.88 25.01 -2.10
N GLN D 32 14.54 25.76 -1.23
CA GLN D 32 14.46 27.21 -1.34
C GLN D 32 14.52 27.78 -2.76
N PRO D 33 15.41 27.28 -3.63
CA PRO D 33 15.49 27.88 -4.98
C PRO D 33 14.17 27.83 -5.77
N LEU D 34 13.27 26.93 -5.37
CA LEU D 34 12.03 26.71 -6.12
C LEU D 34 10.91 27.53 -5.51
N ILE D 35 11.12 27.92 -4.26
CA ILE D 35 10.35 28.99 -3.67
C ILE D 35 10.78 30.33 -4.29
N ASP D 36 12.07 30.66 -4.31
CA ASP D 36 12.52 31.94 -4.93
C ASP D 36 11.95 32.04 -6.34
N SER D 37 11.32 30.97 -6.78
CA SER D 37 11.00 30.75 -8.17
C SER D 37 9.51 30.85 -8.48
N LYS D 38 8.70 30.82 -7.41
CA LYS D 38 7.23 30.75 -7.47
C LYS D 38 6.76 29.37 -7.97
N ALA D 39 7.70 28.45 -8.19
CA ALA D 39 7.42 27.06 -8.58
C ALA D 39 6.82 26.24 -7.46
N VAL D 40 7.30 26.46 -6.25
CA VAL D 40 6.72 25.79 -5.10
C VAL D 40 6.61 26.72 -3.89
N THR D 41 6.16 26.10 -2.80
CA THR D 41 5.80 26.72 -1.56
C THR D 41 6.49 25.96 -0.43
N SER D 42 6.79 26.66 0.66
CA SER D 42 7.53 26.05 1.79
C SER D 42 6.80 24.85 2.34
N ALA D 43 5.56 24.68 1.89
CA ALA D 43 4.72 23.56 2.25
C ALA D 43 5.40 22.31 1.75
N TYR D 44 5.93 22.40 0.52
CA TYR D 44 6.59 21.28 -0.15
C TYR D 44 7.84 20.87 0.59
N TYR D 45 8.64 21.88 0.95
CA TYR D 45 9.78 21.71 1.86
C TYR D 45 9.32 20.93 3.09
N ASP D 46 8.25 21.43 3.74
CA ASP D 46 7.71 20.82 4.96
C ASP D 46 7.22 19.37 4.71
N ALA D 47 6.73 19.12 3.49
CA ALA D 47 6.33 17.78 3.05
C ALA D 47 7.51 16.80 2.92
N ILE D 48 8.59 17.24 2.27
CA ILE D 48 9.77 16.40 2.12
C ILE D 48 10.34 15.89 3.46
N ILE D 49 10.49 16.81 4.44
CA ILE D 49 11.03 16.50 5.79
C ILE D 49 10.15 15.50 6.54
N ALA D 50 8.85 15.79 6.56
CA ALA D 50 7.86 14.87 7.10
C ALA D 50 8.07 13.48 6.50
N SER D 51 8.15 13.43 5.17
CA SER D 51 8.34 12.18 4.43
C SER D 51 9.66 11.51 4.80
N THR D 52 10.72 12.32 4.83
CA THR D 52 12.05 11.81 5.14
C THR D 52 12.12 11.22 6.54
N GLU D 53 11.38 11.83 7.47
CA GLU D 53 11.33 11.37 8.86
C GLU D 53 10.56 10.08 9.02
N LYS D 54 9.47 9.96 8.28
CA LYS D 54 8.69 8.76 8.30
C LYS D 54 9.42 7.61 7.59
N TYR D 55 10.00 7.86 6.41
CA TYR D 55 10.52 6.77 5.58
C TYR D 55 12.04 6.62 5.55
N GLY D 56 12.75 7.52 6.22
CA GLY D 56 14.20 7.55 6.05
C GLY D 56 14.49 8.24 4.72
N PRO D 57 15.78 8.34 4.36
CA PRO D 57 16.22 9.06 3.18
C PRO D 57 16.06 8.23 1.90
N TYR D 58 14.83 7.84 1.59
CA TYR D 58 14.52 7.01 0.41
C TYR D 58 15.08 7.53 -0.92
N TYR D 59 15.29 8.84 -0.96
CA TYR D 59 15.66 9.55 -2.18
C TYR D 59 17.17 9.78 -2.37
N VAL D 60 18.01 9.24 -1.48
CA VAL D 60 19.48 9.32 -1.65
C VAL D 60 19.89 8.14 -2.51
N LEU D 61 20.11 8.40 -3.81
CA LEU D 61 20.24 7.36 -4.83
C LEU D 61 21.62 6.73 -4.83
N MSE D 62 22.66 7.56 -4.87
CA MSE D 62 24.03 7.06 -4.75
C MSE D 62 24.93 8.06 -4.04
O MSE D 62 24.83 9.27 -4.26
CB MSE D 62 24.63 6.66 -6.12
CG MSE D 62 25.62 7.63 -6.75
SE MSE D 62 24.77 8.98 -7.87
CE MSE D 62 23.58 7.85 -9.03
N PRO D 63 25.82 7.55 -3.17
CA PRO D 63 26.77 8.27 -2.33
C PRO D 63 27.13 9.67 -2.85
N GLY D 64 26.95 10.66 -1.98
CA GLY D 64 27.21 12.04 -2.35
C GLY D 64 26.07 12.75 -3.05
N MSE D 65 24.94 12.08 -3.27
CA MSE D 65 23.79 12.78 -3.85
C MSE D 65 22.39 12.40 -3.34
O MSE D 65 22.12 11.25 -2.96
CB MSE D 65 23.85 12.83 -5.38
CG MSE D 65 23.21 11.68 -6.08
SE MSE D 65 21.32 12.00 -6.59
CE MSE D 65 20.43 10.88 -5.30
N ALA D 66 21.52 13.40 -3.34
CA ALA D 66 20.12 13.29 -2.97
C ALA D 66 19.25 13.88 -4.08
N MSE D 67 18.09 13.27 -4.27
CA MSE D 67 17.05 13.82 -5.12
C MSE D 67 15.75 13.94 -4.28
O MSE D 67 14.83 13.11 -4.44
CB MSE D 67 16.85 12.96 -6.35
CG MSE D 67 15.91 13.55 -7.37
SE MSE D 67 15.24 12.30 -8.76
CE MSE D 67 14.96 13.64 -10.12
N PRO D 68 15.68 14.98 -3.39
CA PRO D 68 14.55 15.34 -2.56
C PRO D 68 13.28 15.39 -3.34
N HIS D 69 12.26 14.70 -2.84
CA HIS D 69 10.90 14.74 -3.42
C HIS D 69 9.88 14.20 -2.40
N ALA D 70 8.63 14.60 -2.58
CA ALA D 70 7.49 14.14 -1.78
C ALA D 70 6.16 14.34 -2.53
N GLU D 71 5.04 14.01 -1.88
CA GLU D 71 3.74 13.81 -2.56
C GLU D 71 3.05 15.00 -3.31
N ALA D 72 3.75 16.11 -3.54
CA ALA D 72 3.18 17.28 -4.29
C ALA D 72 2.09 18.08 -3.56
N GLY D 73 1.35 17.43 -2.66
CA GLY D 73 0.14 17.97 -2.04
C GLY D 73 -0.25 19.32 -2.61
N LEU D 74 -0.23 20.34 -1.75
CA LEU D 74 -0.59 21.69 -2.21
C LEU D 74 0.61 22.59 -2.53
N GLY D 75 1.81 22.13 -2.14
CA GLY D 75 3.03 22.90 -2.33
C GLY D 75 3.44 23.18 -3.76
N VAL D 76 3.02 22.32 -4.69
CA VAL D 76 3.56 22.34 -6.05
C VAL D 76 2.70 23.08 -7.09
N ASN D 77 3.23 24.22 -7.53
CA ASN D 77 2.56 25.05 -8.53
C ASN D 77 3.00 24.73 -9.96
N ARG D 78 4.11 24.01 -10.07
CA ARG D 78 4.84 23.84 -11.32
C ARG D 78 5.69 22.60 -11.13
N ASN D 79 5.95 21.91 -12.23
CA ASN D 79 7.02 20.94 -12.26
C ASN D 79 8.28 21.75 -12.37
N ALA D 80 9.27 21.38 -11.59
CA ALA D 80 10.52 22.09 -11.61
C ALA D 80 11.60 21.17 -11.07
N PHE D 81 12.85 21.52 -11.41
CA PHE D 81 14.06 21.01 -10.79
C PHE D 81 14.91 22.13 -10.17
N ALA D 82 15.57 21.79 -9.06
CA ALA D 82 16.63 22.63 -8.49
C ALA D 82 17.92 21.83 -8.32
N LEU D 83 19.03 22.51 -8.09
CA LEU D 83 20.32 21.84 -7.91
C LEU D 83 21.21 22.72 -7.03
N ILE D 84 21.60 22.18 -5.90
CA ILE D 84 22.43 22.89 -5.00
C ILE D 84 23.60 21.98 -4.60
N THR D 85 24.71 22.66 -4.30
CA THR D 85 26.03 22.11 -4.14
C THR D 85 26.42 22.55 -2.73
N LEU D 86 26.80 21.60 -1.89
CA LEU D 86 27.29 21.91 -0.54
C LEU D 86 28.81 22.02 -0.45
N THR D 87 29.24 22.75 0.57
CA THR D 87 30.63 23.03 0.89
C THR D 87 31.23 21.86 1.68
N LYS D 88 30.36 21.10 2.32
CA LYS D 88 30.71 20.20 3.39
C LYS D 88 29.55 19.21 3.42
N PRO D 89 29.84 17.90 3.26
CA PRO D 89 28.82 16.85 3.23
C PRO D 89 28.02 16.65 4.52
N VAL D 90 26.78 17.12 4.48
CA VAL D 90 25.75 16.73 5.41
C VAL D 90 25.57 15.20 5.40
N THR D 91 25.36 14.64 6.59
CA THR D 91 25.02 13.23 6.75
C THR D 91 23.50 13.09 6.92
N PHE D 92 22.92 12.09 6.27
CA PHE D 92 21.47 11.80 6.45
C PHE D 92 21.20 10.74 7.51
N SER D 93 19.92 10.48 7.80
CA SER D 93 19.51 9.50 8.84
C SER D 93 19.97 8.02 8.66
N ASP D 94 21.16 7.83 8.10
CA ASP D 94 21.84 6.52 8.11
C ASP D 94 23.27 6.62 7.59
N GLY D 95 23.97 7.67 8.00
CA GLY D 95 25.39 7.84 7.66
C GLY D 95 25.67 8.10 6.19
N LYS D 96 24.62 8.26 5.40
CA LYS D 96 24.78 8.45 3.97
C LYS D 96 25.13 9.89 3.74
N GLU D 97 26.34 10.09 3.22
CA GLU D 97 26.87 11.43 2.98
C GLU D 97 26.33 12.00 1.69
N VAL D 98 25.90 13.25 1.74
CA VAL D 98 25.33 13.93 0.59
C VAL D 98 25.97 15.29 0.42
N SER D 99 26.46 15.55 -0.79
CA SER D 99 27.01 16.87 -1.14
C SER D 99 26.24 17.61 -2.23
N VAL D 100 25.52 16.87 -3.07
CA VAL D 100 24.71 17.48 -4.15
C VAL D 100 23.27 17.10 -3.92
N LEU D 101 22.37 18.07 -4.10
CA LEU D 101 20.93 17.82 -3.93
C LEU D 101 20.20 18.40 -5.09
N LEU D 102 19.65 17.51 -5.91
CA LEU D 102 18.81 17.87 -7.03
C LEU D 102 17.33 17.60 -6.66
N THR D 103 16.68 18.58 -6.05
CA THR D 103 15.26 18.53 -5.71
C THR D 103 14.38 18.37 -6.93
N LEU D 104 13.34 17.58 -6.76
CA LEU D 104 12.31 17.43 -7.79
C LEU D 104 10.91 17.78 -7.26
N ALA D 105 10.20 18.64 -7.99
CA ALA D 105 8.81 18.96 -7.67
C ALA D 105 7.97 18.63 -8.89
N ALA D 106 6.91 17.86 -8.64
CA ALA D 106 6.03 17.37 -9.72
C ALA D 106 4.57 17.26 -9.30
N THR D 107 3.66 17.51 -10.24
CA THR D 107 2.22 17.40 -9.98
C THR D 107 1.66 15.93 -9.82
N ASP D 108 2.36 14.93 -10.39
CA ASP D 108 2.07 13.47 -10.15
C ASP D 108 3.32 12.65 -9.77
N PRO D 109 3.76 12.75 -8.51
CA PRO D 109 5.05 12.19 -8.01
C PRO D 109 5.38 10.71 -8.35
N SER D 110 4.44 9.77 -8.16
CA SER D 110 4.75 8.35 -8.42
C SER D 110 4.96 8.05 -9.91
N ILE D 111 4.64 9.06 -10.75
CA ILE D 111 4.90 9.04 -12.19
C ILE D 111 6.19 9.80 -12.55
N HIS D 112 6.29 11.02 -12.05
CA HIS D 112 7.29 11.96 -12.55
C HIS D 112 8.70 11.64 -12.09
N THR D 113 8.83 10.98 -10.94
CA THR D 113 10.15 10.57 -10.42
C THR D 113 10.78 9.56 -11.35
N THR D 114 10.00 8.53 -11.70
CA THR D 114 10.37 7.53 -12.69
C THR D 114 10.75 8.21 -14.02
N VAL D 115 9.87 9.11 -14.50
CA VAL D 115 10.13 9.84 -15.73
C VAL D 115 11.49 10.52 -15.71
N ALA D 116 11.82 11.16 -14.58
CA ALA D 116 13.01 12.01 -14.38
C ALA D 116 14.32 11.28 -14.45
N ILE D 117 14.24 9.99 -14.20
CA ILE D 117 15.37 9.24 -13.72
C ILE D 117 16.49 9.01 -14.75
N PRO D 118 16.14 8.82 -16.05
CA PRO D 118 17.26 8.80 -17.02
C PRO D 118 18.14 10.08 -17.03
N GLN D 119 17.54 11.26 -16.91
CA GLN D 119 18.34 12.51 -16.94
C GLN D 119 19.29 12.60 -15.74
N ILE D 120 18.77 12.30 -14.56
CA ILE D 120 19.56 12.32 -13.34
C ILE D 120 20.74 11.36 -13.49
N VAL D 121 20.46 10.17 -13.99
CA VAL D 121 21.45 9.14 -14.22
C VAL D 121 22.46 9.59 -15.26
N ALA D 122 21.94 10.09 -16.38
CA ALA D 122 22.77 10.71 -17.39
C ALA D 122 23.81 11.69 -16.78
N LEU D 123 23.39 12.61 -15.93
CA LEU D 123 24.30 13.54 -15.25
C LEU D 123 25.35 12.85 -14.32
N PHE D 124 24.87 11.99 -13.40
CA PHE D 124 25.76 11.42 -12.39
C PHE D 124 26.63 10.27 -12.90
N GLU D 125 26.56 10.01 -14.21
CA GLU D 125 27.39 9.01 -14.86
C GLU D 125 28.61 9.61 -15.58
N LEU D 126 28.58 10.91 -15.86
CA LEU D 126 29.81 11.62 -16.25
C LEU D 126 30.92 11.31 -15.24
N ASP D 127 32.16 11.20 -15.72
CA ASP D 127 33.31 10.97 -14.85
C ASP D 127 33.40 12.05 -13.77
N ASN D 128 33.63 11.59 -12.55
CA ASN D 128 33.91 12.45 -11.40
C ASN D 128 32.83 13.48 -11.16
N ALA D 129 31.57 13.07 -11.31
CA ALA D 129 30.44 14.00 -11.39
C ALA D 129 30.26 14.79 -10.10
N ILE D 130 30.23 14.11 -8.96
CA ILE D 130 30.02 14.81 -7.69
C ILE D 130 31.08 15.92 -7.48
N GLU D 131 32.34 15.51 -7.37
CA GLU D 131 33.50 16.38 -7.19
C GLU D 131 33.40 17.50 -8.19
N ARG D 132 33.14 17.14 -9.43
CA ARG D 132 33.05 18.13 -10.48
C ARG D 132 32.03 19.18 -10.10
N LEU D 133 30.77 18.75 -9.95
CA LEU D 133 29.69 19.62 -9.50
C LEU D 133 30.03 20.52 -8.32
N VAL D 134 30.43 19.89 -7.22
CA VAL D 134 30.96 20.58 -6.05
C VAL D 134 31.93 21.71 -6.41
N ALA D 135 32.89 21.41 -7.28
CA ALA D 135 33.99 22.32 -7.61
C ALA D 135 33.59 23.34 -8.68
N CYS D 136 32.34 23.27 -9.11
CA CYS D 136 31.81 24.24 -10.06
C CYS D 136 31.72 25.63 -9.44
N GLN D 137 32.23 26.62 -10.16
CA GLN D 137 32.11 28.02 -9.71
C GLN D 137 30.81 28.66 -10.15
N SER D 138 30.68 28.92 -11.47
CA SER D 138 29.42 29.37 -12.10
C SER D 138 28.29 28.32 -12.15
N PRO D 139 27.03 28.77 -12.12
CA PRO D 139 25.93 27.95 -12.58
C PRO D 139 25.96 27.71 -14.08
N LYS D 140 26.82 28.45 -14.79
CA LYS D 140 27.16 28.13 -16.16
C LYS D 140 27.87 26.80 -16.22
N GLU D 141 28.92 26.63 -15.41
CA GLU D 141 29.66 25.37 -15.43
C GLU D 141 28.74 24.17 -15.19
N VAL D 142 27.77 24.35 -14.30
CA VAL D 142 26.79 23.34 -13.96
C VAL D 142 25.90 22.94 -15.14
N LEU D 143 25.30 23.90 -15.80
CA LEU D 143 24.35 23.49 -16.80
C LEU D 143 25.01 23.11 -18.11
N GLU D 144 26.33 23.34 -18.16
CA GLU D 144 27.16 22.90 -19.26
CA GLU D 144 27.05 22.87 -19.29
C GLU D 144 27.47 21.42 -19.04
N MSE D 145 27.63 21.07 -17.75
CA MSE D 145 27.73 19.67 -17.41
C MSE D 145 26.42 18.97 -17.79
O MSE D 145 26.46 17.92 -18.42
CB MSE D 145 28.00 19.47 -15.94
CG MSE D 145 29.42 19.62 -15.57
SE MSE D 145 29.62 19.18 -13.69
CE MSE D 145 29.24 17.25 -13.71
N VAL D 146 25.29 19.56 -17.44
CA VAL D 146 24.02 19.00 -17.81
C VAL D 146 23.95 18.87 -19.33
N GLU D 147 24.35 19.91 -20.03
CA GLU D 147 24.38 19.87 -21.48
C GLU D 147 25.14 18.62 -21.99
N GLU D 148 26.36 18.41 -21.46
CA GLU D 148 27.21 17.28 -21.82
C GLU D 148 26.56 15.90 -21.60
N SER D 149 25.89 15.74 -20.46
CA SER D 149 24.97 14.65 -20.13
C SER D 149 24.06 14.19 -21.25
N LYS D 150 23.69 15.11 -22.13
CA LYS D 150 22.69 14.82 -23.15
C LYS D 150 23.14 13.77 -24.17
N ASP D 151 24.46 13.58 -24.26
CA ASP D 151 25.06 12.57 -25.11
C ASP D 151 25.14 11.18 -24.40
N SER D 152 24.54 11.05 -23.21
CA SER D 152 24.60 9.81 -22.44
C SER D 152 23.61 8.83 -23.06
N PRO D 153 24.04 7.57 -23.30
CA PRO D 153 23.21 6.58 -24.00
C PRO D 153 21.93 6.25 -23.27
N TYR D 154 21.86 6.63 -22.00
CA TYR D 154 20.61 6.64 -21.25
C TYR D 154 19.53 7.52 -21.87
N LEU D 155 19.93 8.42 -22.75
CA LEU D 155 19.05 9.46 -23.28
C LEU D 155 18.81 9.32 -24.78
N GLU D 156 19.30 8.21 -25.34
CA GLU D 156 18.80 7.63 -26.60
C GLU D 156 19.68 8.03 -27.77
#